data_7V6W
#
_entry.id   7V6W
#
_cell.length_a   236.609
_cell.length_b   66.358
_cell.length_c   129.098
_cell.angle_alpha   90.000
_cell.angle_beta   90.000
_cell.angle_gamma   90.000
#
_symmetry.space_group_name_H-M   'P 21 21 2'
#
loop_
_entity.id
_entity.type
_entity.pdbx_description
1 polymer 'Putative mRNA interferase YoeB'
2 polymer Antitoxin
3 polymer 'DNA (26-MER)'
4 polymer 'DNA (25-MER)'
5 water water
#
loop_
_entity_poly.entity_id
_entity_poly.type
_entity_poly.pdbx_seq_one_letter_code
_entity_poly.pdbx_strand_id
1 'polypeptide(L)'
;HMSNYTVKIKNSAKSDLKKIKHSYLKKSFLEIVETLKNDPYKITQSFEKLEPKYLERYSRRINHQHRVVYTVDDRNKEVL
ILSAWSHYD
;
F,E,M,N
2 'polypeptide(L)'
;MIITSPTEARKDFYQLLKNVNNNHEPIYISGNNAENNAVIIGLEDWKSIQETIYLESTGTMDKVREREKDNSGTTNIDDI
DWDNL
;
B,C,A,L,I,K,D,J
3 'polydeoxyribonucleotide'
;(DT)(DT)(DG)(DA)(DC)(DG)(DT)(DA)(DC)(DT)(DC)(DA)(DA)(DG)(DT)(DG)(DC)(DG)(DT)(DA)
(DC)(DG)(DC)(DT)(DA)(DT)
;
G,O
4 'polydeoxyribonucleotide'
;(DA)(DT)(DA)(DG)(DC)(DG)(DT)(DA)(DC)(DG)(DC)(DA)(DC)(DT)(DT)(DG)(DA)(DG)(DT)(DA)
(DC)(DG)(DT)(DC)(DA)(DA)
;
H,P
#
# COMPACT_ATOMS: atom_id res chain seq x y z
N MET A 2 -26.25 7.01 51.59
CA MET A 2 -24.86 7.28 51.97
C MET A 2 -24.08 7.84 50.79
N SER A 3 -23.73 6.98 49.85
CA SER A 3 -22.98 7.36 48.66
C SER A 3 -23.80 7.07 47.41
N ASN A 4 -23.41 7.71 46.30
CA ASN A 4 -24.16 7.58 45.06
C ASN A 4 -24.00 6.18 44.45
N TYR A 5 -22.81 5.61 44.55
CA TYR A 5 -22.49 4.33 43.94
C TYR A 5 -21.98 3.35 44.98
N THR A 6 -22.32 2.08 44.81
CA THR A 6 -21.76 1.00 45.61
C THR A 6 -20.54 0.44 44.87
N VAL A 7 -19.38 0.50 45.52
CA VAL A 7 -18.12 0.09 44.90
C VAL A 7 -17.78 -1.32 45.38
N LYS A 8 -17.69 -2.25 44.43
CA LYS A 8 -17.32 -3.63 44.71
C LYS A 8 -16.05 -3.97 43.96
N ILE A 9 -15.35 -5.00 44.46
CA ILE A 9 -14.16 -5.52 43.81
C ILE A 9 -14.36 -7.02 43.60
N LYS A 10 -13.86 -7.52 42.47
CA LYS A 10 -13.91 -8.95 42.22
C LYS A 10 -13.08 -9.69 43.25
N ASN A 11 -13.59 -10.84 43.70
CA ASN A 11 -12.88 -11.62 44.72
C ASN A 11 -11.52 -12.08 44.23
N SER A 12 -11.43 -12.47 42.95
CA SER A 12 -10.15 -12.88 42.39
C SER A 12 -9.18 -11.71 42.21
N ALA A 13 -9.63 -10.49 42.42
CA ALA A 13 -8.78 -9.30 42.31
C ALA A 13 -8.35 -8.76 43.68
N LYS A 14 -8.79 -9.38 44.77
CA LYS A 14 -8.42 -8.88 46.09
C LYS A 14 -6.94 -9.09 46.40
N SER A 15 -6.28 -10.01 45.70
CA SER A 15 -4.83 -10.16 45.84
C SER A 15 -4.09 -8.93 45.35
N ASP A 16 -4.69 -8.14 44.46
CA ASP A 16 -4.09 -6.87 44.06
C ASP A 16 -4.00 -5.91 45.24
N LEU A 17 -5.02 -5.91 46.10
CA LEU A 17 -5.02 -5.02 47.25
C LEU A 17 -3.90 -5.38 48.23
N LYS A 18 -3.48 -6.64 48.24
CA LYS A 18 -2.36 -7.04 49.08
C LYS A 18 -1.07 -6.37 48.63
N LYS A 19 -0.87 -6.23 47.31
CA LYS A 19 0.30 -5.52 46.79
C LYS A 19 0.14 -4.01 46.92
N ILE A 20 -1.10 -3.51 46.85
CA ILE A 20 -1.33 -2.09 47.07
C ILE A 20 -0.97 -1.72 48.51
N LYS A 21 -1.29 -2.59 49.46
CA LYS A 21 -1.02 -2.30 50.86
C LYS A 21 0.48 -2.25 51.14
N HIS A 22 1.24 -3.17 50.55
CA HIS A 22 2.68 -3.28 50.80
C HIS A 22 3.52 -2.42 49.87
N SER A 23 2.89 -1.53 49.10
CA SER A 23 3.61 -0.60 48.24
C SER A 23 3.31 0.86 48.59
N TYR A 24 2.63 1.10 49.71
CA TYR A 24 2.29 2.45 50.17
C TYR A 24 1.46 3.20 49.15
N LEU A 25 0.65 2.47 48.38
CA LEU A 25 -0.32 3.06 47.46
C LEU A 25 -1.75 2.94 47.97
N LYS A 26 -1.92 2.54 49.24
CA LYS A 26 -3.25 2.37 49.81
C LYS A 26 -4.00 3.70 49.86
N LYS A 27 -3.30 4.78 50.25
CA LYS A 27 -3.95 6.09 50.29
C LYS A 27 -4.38 6.55 48.90
N SER A 28 -3.53 6.30 47.89
CA SER A 28 -3.89 6.66 46.53
C SER A 28 -5.05 5.82 46.02
N PHE A 29 -5.05 4.52 46.33
CA PHE A 29 -6.14 3.65 45.91
C PHE A 29 -7.44 4.03 46.59
N LEU A 30 -7.38 4.43 47.87
CA LEU A 30 -8.59 4.79 48.59
C LEU A 30 -9.19 6.11 48.10
N GLU A 31 -8.34 7.05 47.70
CA GLU A 31 -8.87 8.28 47.09
C GLU A 31 -9.61 7.98 45.80
N ILE A 32 -9.24 6.90 45.10
CA ILE A 32 -9.95 6.53 43.88
C ILE A 32 -11.30 5.91 44.21
N VAL A 33 -11.35 5.01 45.19
CA VAL A 33 -12.61 4.37 45.54
C VAL A 33 -13.59 5.36 46.16
N GLU A 34 -13.09 6.45 46.77
CA GLU A 34 -14.01 7.48 47.23
C GLU A 34 -14.64 8.22 46.06
N THR A 35 -13.86 8.47 45.01
CA THR A 35 -14.42 9.08 43.81
C THR A 35 -15.40 8.14 43.12
N LEU A 36 -15.11 6.84 43.13
CA LEU A 36 -16.02 5.87 42.51
C LEU A 36 -17.35 5.82 43.25
N LYS A 37 -17.35 6.11 44.55
CA LYS A 37 -18.60 6.15 45.30
C LYS A 37 -19.46 7.34 44.91
N ASN A 38 -18.83 8.47 44.58
CA ASN A 38 -19.57 9.68 44.25
C ASN A 38 -19.83 9.81 42.75
N ASP A 39 -18.80 9.68 41.93
CA ASP A 39 -18.95 9.81 40.49
C ASP A 39 -17.85 9.06 39.75
N PRO A 40 -18.10 7.84 39.29
CA PRO A 40 -17.05 7.09 38.56
C PRO A 40 -16.71 7.68 37.20
N TYR A 41 -17.49 8.63 36.70
CA TYR A 41 -17.21 9.31 35.43
C TYR A 41 -16.56 10.67 35.63
N LYS A 42 -16.13 10.97 36.85
CA LYS A 42 -15.53 12.27 37.14
C LYS A 42 -14.20 12.40 36.42
N ILE A 43 -13.99 13.55 35.77
CA ILE A 43 -12.76 13.80 35.01
C ILE A 43 -11.63 14.15 35.98
N THR A 44 -11.21 13.15 36.76
CA THR A 44 -10.08 13.30 37.67
C THR A 44 -9.27 12.02 37.64
N GLN A 45 -8.08 12.07 38.24
CA GLN A 45 -7.24 10.89 38.44
C GLN A 45 -6.93 10.19 37.11
N SER A 46 -6.82 10.98 36.03
CA SER A 46 -6.53 10.45 34.70
C SER A 46 -7.57 9.41 34.30
N PHE A 47 -8.83 9.70 34.58
CA PHE A 47 -9.93 8.85 34.16
C PHE A 47 -9.91 8.69 32.64
N GLU A 48 -9.99 7.44 32.19
CA GLU A 48 -9.92 7.12 30.77
C GLU A 48 -10.94 6.04 30.44
N LYS A 49 -11.57 6.17 29.28
CA LYS A 49 -12.48 5.14 28.77
C LYS A 49 -11.68 4.20 27.89
N LEU A 50 -11.55 2.94 28.31
CA LEU A 50 -10.73 1.99 27.58
C LEU A 50 -11.41 1.56 26.29
N GLU A 51 -10.60 1.10 25.34
CA GLU A 51 -11.02 0.53 24.08
C GLU A 51 -11.14 -0.98 24.19
N PRO A 52 -12.10 -1.61 23.50
CA PRO A 52 -13.13 -0.97 22.68
C PRO A 52 -14.22 -0.32 23.52
N LYS A 53 -14.70 0.85 23.09
CA LYS A 53 -15.63 1.64 23.89
C LYS A 53 -16.93 0.93 24.18
N TYR A 54 -17.35 -0.03 23.34
CA TYR A 54 -18.64 -0.68 23.55
C TYR A 54 -18.62 -1.62 24.74
N LEU A 55 -17.44 -2.03 25.21
CA LEU A 55 -17.35 -2.84 26.41
C LEU A 55 -17.40 -2.01 27.69
N GLU A 56 -17.21 -0.70 27.58
CA GLU A 56 -17.43 0.24 28.68
C GLU A 56 -16.55 -0.08 29.89
N ARG A 57 -15.25 -0.25 29.64
CA ARG A 57 -14.27 -0.39 30.70
C ARG A 57 -13.56 0.94 30.91
N TYR A 58 -13.24 1.24 32.17
CA TYR A 58 -12.63 2.51 32.52
C TYR A 58 -11.40 2.27 33.38
N SER A 59 -10.55 3.28 33.49
CA SER A 59 -9.34 3.18 34.30
C SER A 59 -9.02 4.52 34.93
N ARG A 60 -8.44 4.45 36.14
CA ARG A 60 -7.90 5.60 36.83
C ARG A 60 -6.51 5.24 37.34
N ARG A 61 -5.65 6.25 37.49
CA ARG A 61 -4.26 6.03 37.82
C ARG A 61 -4.07 6.04 39.34
N ILE A 62 -3.59 4.92 39.88
CA ILE A 62 -3.09 4.91 41.25
C ILE A 62 -1.79 5.69 41.33
N ASN A 63 -0.84 5.37 40.44
CA ASN A 63 0.35 6.18 40.23
C ASN A 63 0.66 6.15 38.75
N HIS A 64 1.93 6.42 38.39
CA HIS A 64 2.33 6.42 37.00
C HIS A 64 2.23 5.05 36.36
N GLN A 65 2.28 3.98 37.15
CA GLN A 65 2.35 2.62 36.64
C GLN A 65 1.07 1.83 36.80
N HIS A 66 0.42 1.92 37.95
CA HIS A 66 -0.71 1.06 38.28
C HIS A 66 -2.04 1.78 38.04
N ARG A 67 -3.06 0.99 37.72
CA ARG A 67 -4.38 1.51 37.38
C ARG A 67 -5.45 0.74 38.14
N VAL A 68 -6.58 1.41 38.34
CA VAL A 68 -7.80 0.76 38.79
C VAL A 68 -8.69 0.59 37.56
N VAL A 69 -8.90 -0.66 37.15
CA VAL A 69 -9.75 -0.96 36.00
C VAL A 69 -11.11 -1.42 36.52
N TYR A 70 -12.18 -0.81 36.00
CA TYR A 70 -13.51 -1.06 36.54
C TYR A 70 -14.55 -0.88 35.45
N THR A 71 -15.73 -1.47 35.71
CA THR A 71 -16.93 -1.23 34.94
C THR A 71 -18.00 -0.64 35.85
N VAL A 72 -19.02 -0.03 35.24
CA VAL A 72 -20.06 0.68 35.98
C VAL A 72 -21.41 0.14 35.54
N ASP A 73 -22.22 -0.29 36.51
CA ASP A 73 -23.61 -0.68 36.26
C ASP A 73 -24.46 0.56 36.50
N ASP A 74 -24.69 1.34 35.44
CA ASP A 74 -25.42 2.59 35.57
C ASP A 74 -26.84 2.38 36.05
N ARG A 75 -27.42 1.21 35.77
CA ARG A 75 -28.79 0.93 36.22
C ARG A 75 -28.85 0.80 37.74
N ASN A 76 -27.98 -0.03 38.31
CA ASN A 76 -28.00 -0.31 39.74
C ASN A 76 -27.03 0.55 40.54
N LYS A 77 -26.28 1.44 39.88
CA LYS A 77 -25.29 2.30 40.53
C LYS A 77 -24.27 1.47 41.32
N GLU A 78 -23.62 0.55 40.60
CA GLU A 78 -22.64 -0.36 41.18
C GLU A 78 -21.38 -0.32 40.34
N VAL A 79 -20.26 -0.03 40.99
CA VAL A 79 -18.94 -0.02 40.34
C VAL A 79 -18.23 -1.31 40.71
N LEU A 80 -17.77 -2.05 39.70
CA LEU A 80 -17.08 -3.32 39.89
C LEU A 80 -15.62 -3.14 39.53
N ILE A 81 -14.74 -3.20 40.53
CA ILE A 81 -13.30 -3.08 40.31
C ILE A 81 -12.78 -4.44 39.84
N LEU A 82 -12.16 -4.46 38.65
CA LEU A 82 -11.64 -5.68 38.07
C LEU A 82 -10.13 -5.84 38.23
N SER A 83 -9.42 -4.75 38.48
CA SER A 83 -7.97 -4.81 38.65
C SER A 83 -7.50 -3.58 39.40
N ALA A 84 -6.58 -3.78 40.35
CA ALA A 84 -5.95 -2.68 41.07
C ALA A 84 -4.42 -2.79 41.08
N TRP A 85 -3.84 -3.63 40.22
CA TRP A 85 -2.39 -3.79 40.16
C TRP A 85 -2.03 -4.11 38.72
N SER A 86 -1.30 -3.22 38.07
CA SER A 86 -1.02 -3.32 36.64
C SER A 86 0.29 -4.03 36.33
N HIS A 87 0.82 -4.80 37.27
CA HIS A 87 2.04 -5.56 37.08
C HIS A 87 1.75 -7.04 37.24
N TYR A 88 2.53 -7.87 36.55
CA TYR A 88 2.27 -9.31 36.57
C TYR A 88 2.59 -9.94 37.93
N ASP A 89 3.37 -9.26 38.76
CA ASP A 89 3.59 -9.72 40.13
C ASP A 89 3.76 -8.53 41.06
N MET B 1 22.16 18.61 43.29
CA MET B 1 20.95 18.75 42.48
C MET B 1 20.33 20.13 42.66
N ILE B 2 19.69 20.63 41.61
CA ILE B 2 19.08 21.96 41.65
C ILE B 2 17.67 21.82 42.23
N ILE B 3 17.43 22.52 43.34
CA ILE B 3 16.14 22.49 44.04
C ILE B 3 15.62 23.91 44.13
N THR B 4 14.32 24.08 43.90
CA THR B 4 13.72 25.41 43.92
C THR B 4 12.26 25.30 44.34
N SER B 5 11.73 26.41 44.83
CA SER B 5 10.33 26.49 45.21
C SER B 5 9.47 26.70 43.98
N PRO B 6 8.17 26.36 44.06
CA PRO B 6 7.28 26.63 42.92
C PRO B 6 7.25 28.09 42.52
N THR B 7 7.20 29.00 43.50
CA THR B 7 7.17 30.43 43.19
C THR B 7 8.46 30.88 42.51
N GLU B 8 9.61 30.44 43.01
CA GLU B 8 10.87 30.76 42.34
C GLU B 8 10.94 30.10 40.97
N ALA B 9 10.40 28.89 40.84
CA ALA B 9 10.39 28.22 39.54
C ALA B 9 9.53 28.98 38.54
N ARG B 10 8.44 29.62 39.00
CA ARG B 10 7.60 30.37 38.09
C ARG B 10 8.29 31.65 37.60
N LYS B 11 9.13 32.25 38.45
CA LYS B 11 9.85 33.46 38.04
C LYS B 11 10.89 33.15 36.96
N ASP B 12 11.60 32.03 37.10
CA ASP B 12 12.66 31.65 36.17
C ASP B 12 12.25 30.41 35.36
N PHE B 13 11.00 30.35 34.91
CA PHE B 13 10.48 29.16 34.27
C PHE B 13 11.15 28.91 32.93
N TYR B 14 11.21 29.94 32.08
CA TYR B 14 11.80 29.77 30.76
C TYR B 14 13.30 29.47 30.84
N GLN B 15 13.96 29.94 31.90
CA GLN B 15 15.37 29.64 32.06
C GLN B 15 15.58 28.23 32.62
N LEU B 16 14.63 27.72 33.40
CA LEU B 16 14.72 26.35 33.89
C LEU B 16 14.53 25.34 32.77
N LEU B 17 13.60 25.63 31.84
CA LEU B 17 13.34 24.71 30.74
C LEU B 17 14.54 24.57 29.83
N LYS B 18 15.37 25.61 29.73
CA LYS B 18 16.59 25.54 28.94
C LYS B 18 17.74 24.90 29.70
N ASN B 19 17.66 24.84 31.04
CA ASN B 19 18.72 24.21 31.82
C ASN B 19 18.64 22.69 31.75
N VAL B 20 17.43 22.13 31.80
CA VAL B 20 17.28 20.68 31.77
C VAL B 20 17.73 20.12 30.42
N ASN B 21 17.66 20.92 29.36
CA ASN B 21 18.07 20.46 28.04
C ASN B 21 19.54 20.69 27.76
N ASN B 22 20.19 21.61 28.48
CA ASN B 22 21.62 21.84 28.34
C ASN B 22 22.43 21.14 29.43
N ASN B 23 22.07 21.35 30.69
CA ASN B 23 22.77 20.66 31.78
C ASN B 23 22.41 19.18 31.86
N HIS B 24 21.29 18.78 31.25
CA HIS B 24 20.81 17.40 31.29
C HIS B 24 20.62 16.90 32.71
N GLU B 25 20.27 17.80 33.63
CA GLU B 25 20.02 17.47 35.02
C GLU B 25 18.61 17.90 35.42
N PRO B 26 17.89 17.06 36.16
CA PRO B 26 16.52 17.41 36.55
C PRO B 26 16.49 18.56 37.56
N ILE B 27 15.43 19.36 37.47
CA ILE B 27 15.18 20.43 38.44
C ILE B 27 14.09 19.95 39.38
N TYR B 28 14.36 19.98 40.68
CA TYR B 28 13.42 19.54 41.69
C TYR B 28 12.66 20.74 42.23
N ILE B 29 11.34 20.63 42.27
CA ILE B 29 10.47 21.70 42.77
C ILE B 29 9.93 21.25 44.12
N SER B 30 10.38 21.91 45.19
CA SER B 30 9.97 21.60 46.55
C SER B 30 9.47 22.87 47.22
N GLY B 31 8.24 22.83 47.72
CA GLY B 31 7.66 24.00 48.37
C GLY B 31 6.99 23.70 49.70
N ASN B 32 6.33 24.69 50.29
CA ASN B 32 5.71 24.50 51.59
C ASN B 32 4.65 23.42 51.55
N ASN B 33 3.96 23.27 50.42
CA ASN B 33 2.98 22.20 50.22
C ASN B 33 3.70 21.07 49.49
N ALA B 34 4.34 20.19 50.26
CA ALA B 34 5.18 19.14 49.68
C ALA B 34 4.39 18.15 48.84
N GLU B 35 3.07 18.03 49.05
CA GLU B 35 2.27 17.13 48.23
C GLU B 35 2.24 17.58 46.77
N ASN B 36 2.56 18.83 46.49
CA ASN B 36 2.60 19.36 45.14
C ASN B 36 4.01 19.41 44.56
N ASN B 37 4.97 18.76 45.21
CA ASN B 37 6.33 18.75 44.71
C ASN B 37 6.41 18.01 43.38
N ALA B 38 7.32 18.47 42.52
CA ALA B 38 7.45 17.92 41.17
C ALA B 38 8.90 18.02 40.73
N VAL B 39 9.18 17.50 39.54
CA VAL B 39 10.52 17.52 38.96
C VAL B 39 10.39 17.82 37.47
N ILE B 40 11.33 18.61 36.94
CA ILE B 40 11.36 18.99 35.54
C ILE B 40 12.52 18.26 34.87
N ILE B 41 12.22 17.55 33.78
CA ILE B 41 13.23 16.77 33.06
C ILE B 41 13.13 17.13 31.58
N GLY B 42 14.29 17.25 30.93
CA GLY B 42 14.30 17.48 29.50
C GLY B 42 13.64 16.36 28.73
N LEU B 43 13.04 16.71 27.59
CA LEU B 43 12.26 15.74 26.84
C LEU B 43 13.12 14.61 26.31
N GLU B 44 14.28 14.93 25.74
CA GLU B 44 15.15 13.88 25.20
C GLU B 44 15.64 12.94 26.30
N ASP B 45 15.93 13.49 27.48
CA ASP B 45 16.32 12.64 28.60
C ASP B 45 15.15 11.80 29.12
N TRP B 46 13.94 12.37 29.07
CA TRP B 46 12.77 11.65 29.56
C TRP B 46 12.41 10.46 28.68
N LYS B 47 12.70 10.54 27.37
CA LYS B 47 12.34 9.46 26.47
C LYS B 47 13.06 8.17 26.83
N SER B 48 14.32 8.27 27.26
CA SER B 48 15.04 7.09 27.71
C SER B 48 14.44 6.52 28.98
N ILE B 49 13.97 7.38 29.87
CA ILE B 49 13.36 6.92 31.12
C ILE B 49 12.03 6.24 30.85
N GLN B 50 11.19 6.87 30.03
CA GLN B 50 9.89 6.29 29.73
C GLN B 50 10.02 4.97 28.98
N GLU B 51 10.99 4.88 28.06
CA GLU B 51 11.25 3.64 27.36
C GLU B 51 11.68 2.54 28.34
N THR B 52 12.56 2.88 29.28
CA THR B 52 13.00 1.91 30.28
C THR B 52 11.86 1.48 31.19
N ILE B 53 11.04 2.44 31.63
CA ILE B 53 9.93 2.12 32.54
C ILE B 53 8.92 1.23 31.83
N TYR B 54 8.67 1.49 30.54
CA TYR B 54 7.75 0.64 29.79
C TYR B 54 8.26 -0.79 29.70
N LEU B 55 9.56 -0.97 29.42
CA LEU B 55 10.12 -2.31 29.35
C LEU B 55 10.16 -2.99 30.72
N GLU B 56 10.28 -2.20 31.79
CA GLU B 56 10.20 -2.78 33.13
C GLU B 56 8.77 -3.14 33.49
N SER B 57 7.80 -2.29 33.11
CA SER B 57 6.41 -2.51 33.47
C SER B 57 5.84 -3.77 32.82
N THR B 58 6.30 -4.10 31.61
CA THR B 58 5.81 -5.26 30.88
C THR B 58 6.50 -6.55 31.27
N GLY B 59 7.45 -6.50 32.19
CA GLY B 59 8.24 -7.68 32.52
C GLY B 59 9.29 -8.03 31.49
N THR B 60 9.54 -7.16 30.52
CA THR B 60 10.53 -7.45 29.48
C THR B 60 11.95 -7.41 30.04
N MET B 61 12.25 -6.41 30.88
CA MET B 61 13.58 -6.30 31.45
C MET B 61 13.90 -7.48 32.37
N ASP B 62 12.88 -8.06 33.01
CA ASP B 62 13.11 -9.27 33.80
C ASP B 62 13.53 -10.43 32.91
N LYS B 63 12.93 -10.51 31.72
CA LYS B 63 13.36 -11.54 30.76
C LYS B 63 14.75 -11.24 30.22
N VAL B 64 15.04 -9.96 29.96
CA VAL B 64 16.36 -9.58 29.44
C VAL B 64 17.44 -9.92 30.45
N ARG B 65 17.23 -9.55 31.72
CA ARG B 65 18.24 -9.83 32.75
C ARG B 65 18.40 -11.33 32.96
N GLU B 66 17.30 -12.08 32.91
CA GLU B 66 17.39 -13.53 33.07
C GLU B 66 18.08 -14.17 31.88
N ARG B 67 17.86 -13.63 30.68
CA ARG B 67 18.48 -14.19 29.49
C ARG B 67 19.96 -13.85 29.42
N GLU B 68 20.37 -12.73 30.00
CA GLU B 68 21.79 -12.38 30.02
C GLU B 68 22.60 -13.35 30.87
N LYS B 69 21.98 -13.98 31.85
CA LYS B 69 22.69 -14.83 32.80
C LYS B 69 22.63 -16.31 32.43
N ASP B 70 21.80 -16.71 31.47
CA ASP B 70 21.69 -18.11 31.15
C ASP B 70 22.79 -18.53 30.18
N ASN B 71 22.91 -19.85 29.99
CA ASN B 71 23.91 -20.38 29.07
C ASN B 71 23.23 -21.10 27.90
N SER B 72 22.21 -20.48 27.32
CA SER B 72 21.42 -21.13 26.28
C SER B 72 22.11 -21.13 24.92
N GLY B 73 23.12 -20.30 24.73
CA GLY B 73 23.82 -20.24 23.46
C GLY B 73 23.37 -19.07 22.61
N THR B 74 23.88 -19.07 21.38
CA THR B 74 23.69 -17.95 20.47
C THR B 74 23.49 -18.47 19.05
N THR B 75 22.53 -17.87 18.34
CA THR B 75 22.25 -18.20 16.95
C THR B 75 22.34 -16.94 16.11
N ASN B 76 23.11 -16.99 15.02
CA ASN B 76 23.14 -15.89 14.07
C ASN B 76 21.74 -15.68 13.49
N ILE B 77 21.34 -14.40 13.41
CA ILE B 77 19.98 -14.08 12.98
C ILE B 77 19.72 -14.53 11.54
N ASP B 78 20.77 -14.65 10.73
CA ASP B 78 20.58 -15.14 9.36
C ASP B 78 20.29 -16.63 9.32
N ASP B 79 20.69 -17.37 10.34
CA ASP B 79 20.47 -18.82 10.39
C ASP B 79 19.14 -19.19 11.05
N ILE B 80 18.27 -18.21 11.30
CA ILE B 80 16.97 -18.48 11.89
C ILE B 80 16.09 -19.17 10.86
N ASP B 81 15.51 -20.30 11.24
CA ASP B 81 14.57 -21.03 10.40
C ASP B 81 13.17 -20.53 10.72
N TRP B 82 12.72 -19.52 9.98
CA TRP B 82 11.43 -18.91 10.25
C TRP B 82 10.26 -19.86 9.98
N ASP B 83 10.44 -20.88 9.16
CA ASP B 83 9.33 -21.76 8.86
C ASP B 83 9.03 -22.75 9.97
N ASN B 84 9.95 -22.92 10.92
CA ASN B 84 9.74 -23.84 12.02
C ASN B 84 9.67 -23.16 13.37
N LEU B 85 9.93 -21.85 13.44
CA LEU B 85 9.90 -21.13 14.70
C LEU B 85 9.72 -19.63 14.46
N MET C 1 9.45 9.88 20.09
CA MET C 1 8.33 10.64 19.57
C MET C 1 8.72 12.10 19.36
N ILE C 2 7.83 12.86 18.73
CA ILE C 2 8.07 14.26 18.40
C ILE C 2 6.81 15.05 18.70
N ILE C 3 6.98 16.23 19.31
CA ILE C 3 5.91 17.19 19.51
C ILE C 3 6.25 18.45 18.71
N THR C 4 5.29 18.91 17.90
CA THR C 4 5.52 20.07 17.05
C THR C 4 4.19 20.75 16.76
N SER C 5 4.29 21.99 16.26
CA SER C 5 3.12 22.74 15.86
C SER C 5 2.72 22.36 14.44
N PRO C 6 1.46 22.58 14.06
CA PRO C 6 1.04 22.26 12.68
C PRO C 6 1.77 23.08 11.63
N THR C 7 2.17 24.31 11.94
CA THR C 7 2.93 25.11 10.99
C THR C 7 4.29 24.48 10.71
N GLU C 8 4.99 24.06 11.76
CA GLU C 8 6.28 23.40 11.57
C GLU C 8 6.10 22.05 10.89
N ALA C 9 5.04 21.33 11.22
CA ALA C 9 4.79 20.03 10.59
C ALA C 9 4.52 20.18 9.09
N ARG C 10 3.85 21.27 8.70
CA ARG C 10 3.51 21.44 7.29
C ARG C 10 4.74 21.75 6.44
N LYS C 11 5.78 22.35 7.03
CA LYS C 11 7.00 22.65 6.28
C LYS C 11 7.80 21.39 5.97
N ASP C 12 7.62 20.32 6.74
CA ASP C 12 8.31 19.05 6.53
C ASP C 12 7.31 17.91 6.55
N PHE C 13 6.20 18.08 5.81
CA PHE C 13 5.09 17.16 5.90
C PHE C 13 5.43 15.80 5.30
N TYR C 14 6.17 15.78 4.19
CA TYR C 14 6.48 14.52 3.54
C TYR C 14 7.50 13.73 4.35
N GLN C 15 8.51 14.41 4.91
CA GLN C 15 9.44 13.73 5.80
C GLN C 15 8.75 13.22 7.05
N LEU C 16 7.70 13.92 7.49
CA LEU C 16 6.95 13.48 8.66
C LEU C 16 6.29 12.13 8.42
N LEU C 17 5.68 11.94 7.25
CA LEU C 17 5.00 10.69 6.95
C LEU C 17 5.98 9.52 6.87
N LYS C 18 7.21 9.78 6.42
CA LYS C 18 8.21 8.72 6.39
C LYS C 18 8.75 8.40 7.77
N ASN C 19 8.87 9.40 8.65
CA ASN C 19 9.48 9.18 9.96
C ASN C 19 8.57 8.39 10.88
N VAL C 20 7.25 8.65 10.82
CA VAL C 20 6.33 7.91 11.69
C VAL C 20 6.35 6.43 11.37
N ASN C 21 6.68 6.06 10.14
CA ASN C 21 6.76 4.66 9.76
C ASN C 21 8.15 4.08 10.00
N ASN C 22 9.19 4.80 9.57
CA ASN C 22 10.55 4.29 9.71
C ASN C 22 10.98 4.25 11.18
N ASN C 23 10.53 5.20 11.98
CA ASN C 23 10.88 5.23 13.39
C ASN C 23 9.80 4.63 14.29
N HIS C 24 8.63 4.29 13.74
CA HIS C 24 7.52 3.74 14.51
C HIS C 24 7.20 4.61 15.72
N GLU C 25 7.26 5.93 15.51
CA GLU C 25 7.07 6.93 16.53
C GLU C 25 5.80 7.73 16.26
N PRO C 26 5.03 8.06 17.29
CA PRO C 26 3.94 9.01 17.12
C PRO C 26 4.48 10.43 17.10
N ILE C 27 3.98 11.22 16.16
CA ILE C 27 4.32 12.64 16.07
C ILE C 27 3.09 13.44 16.47
N TYR C 28 3.17 14.12 17.61
CA TYR C 28 2.06 14.87 18.17
C TYR C 28 2.02 16.27 17.58
N ILE C 29 0.84 16.68 17.12
CA ILE C 29 0.61 18.01 16.57
C ILE C 29 -0.06 18.84 17.66
N SER C 30 0.65 19.85 18.16
CA SER C 30 0.13 20.69 19.23
C SER C 30 0.58 22.12 18.95
N GLY C 31 -0.38 22.99 18.64
CA GLY C 31 -0.09 24.39 18.42
C GLY C 31 -0.81 25.29 19.38
N ASN C 32 -1.06 26.54 18.98
CA ASN C 32 -1.78 27.46 19.85
C ASN C 32 -3.23 27.02 20.02
N ASN C 33 -3.86 26.54 18.95
CA ASN C 33 -5.22 26.02 19.00
C ASN C 33 -5.18 24.68 19.74
N ALA C 34 -5.19 24.77 21.07
CA ALA C 34 -4.96 23.59 21.90
C ALA C 34 -6.07 22.55 21.79
N GLU C 35 -7.23 22.92 21.27
CA GLU C 35 -8.32 21.97 21.14
C GLU C 35 -8.22 21.12 19.87
N ASN C 36 -7.36 21.50 18.93
CA ASN C 36 -7.16 20.75 17.69
C ASN C 36 -5.89 19.93 17.70
N ASN C 37 -5.47 19.46 18.88
CA ASN C 37 -4.29 18.62 18.99
C ASN C 37 -4.58 17.24 18.39
N ALA C 38 -3.56 16.65 17.76
CA ALA C 38 -3.71 15.37 17.09
C ALA C 38 -2.40 14.62 17.16
N VAL C 39 -2.42 13.39 16.67
CA VAL C 39 -1.24 12.55 16.58
C VAL C 39 -1.22 11.92 15.20
N ILE C 40 -0.01 11.77 14.64
CA ILE C 40 0.19 11.14 13.34
C ILE C 40 1.05 9.91 13.55
N ILE C 41 0.54 8.74 13.17
CA ILE C 41 1.24 7.49 13.34
C ILE C 41 1.25 6.73 12.01
N GLY C 42 2.18 5.79 11.90
CA GLY C 42 2.25 4.97 10.70
C GLY C 42 1.07 4.03 10.59
N LEU C 43 0.69 3.72 9.35
CA LEU C 43 -0.48 2.90 9.10
C LEU C 43 -0.28 1.48 9.61
N GLU C 44 0.86 0.87 9.29
CA GLU C 44 1.14 -0.49 9.76
C GLU C 44 1.13 -0.56 11.28
N ASP C 45 1.70 0.45 11.95
CA ASP C 45 1.63 0.49 13.40
C ASP C 45 0.19 0.64 13.88
N TRP C 46 -0.62 1.42 13.14
CA TRP C 46 -2.02 1.58 13.50
C TRP C 46 -2.79 0.27 13.35
N LYS C 47 -2.48 -0.50 12.30
CA LYS C 47 -3.12 -1.81 12.14
C LYS C 47 -2.82 -2.72 13.31
N SER C 48 -1.55 -2.79 13.72
CA SER C 48 -1.19 -3.63 14.87
C SER C 48 -1.89 -3.16 16.13
N ILE C 49 -2.02 -1.85 16.31
CA ILE C 49 -2.73 -1.31 17.47
C ILE C 49 -4.21 -1.71 17.42
N GLN C 50 -4.80 -1.68 16.23
CA GLN C 50 -6.19 -2.10 16.07
C GLN C 50 -6.37 -3.57 16.44
N GLU C 51 -5.47 -4.43 15.95
CA GLU C 51 -5.55 -5.85 16.27
C GLU C 51 -5.36 -6.10 17.76
N THR C 52 -4.56 -5.26 18.43
CA THR C 52 -4.36 -5.42 19.86
C THR C 52 -5.62 -5.05 20.65
N ILE C 53 -6.33 -4.02 20.21
CA ILE C 53 -7.53 -3.57 20.91
C ILE C 53 -8.60 -4.65 20.88
N TYR C 54 -8.70 -5.39 19.78
CA TYR C 54 -9.77 -6.36 19.57
C TYR C 54 -9.29 -7.80 19.66
N LEU C 55 -8.22 -8.06 20.40
CA LEU C 55 -7.77 -9.43 20.64
C LEU C 55 -8.28 -9.90 21.99
N GLU C 56 -8.75 -11.14 22.03
CA GLU C 56 -9.28 -11.74 23.25
C GLU C 56 -8.50 -13.00 23.63
N MET D 1 -1.39 11.82 27.29
CA MET D 1 -0.63 12.92 26.70
C MET D 1 -1.29 14.28 26.96
N ILE D 2 -0.73 15.03 27.92
CA ILE D 2 -1.13 16.41 28.17
C ILE D 2 0.01 17.30 27.71
N ILE D 3 -0.27 18.14 26.72
CA ILE D 3 0.73 19.01 26.12
C ILE D 3 0.27 20.45 26.30
N THR D 4 1.18 21.32 26.75
CA THR D 4 0.89 22.73 26.90
C THR D 4 2.15 23.53 26.60
N SER D 5 1.96 24.76 26.13
CA SER D 5 3.07 25.65 25.88
C SER D 5 3.66 26.14 27.21
N PRO D 6 4.90 26.63 27.20
CA PRO D 6 5.46 27.22 28.43
C PRO D 6 4.66 28.42 28.92
N THR D 7 4.15 29.25 28.01
CA THR D 7 3.38 30.41 28.41
C THR D 7 2.07 30.02 29.08
N GLU D 8 1.35 29.05 28.49
CA GLU D 8 0.11 28.58 29.10
C GLU D 8 0.38 27.84 30.39
N ALA D 9 1.54 27.18 30.52
CA ALA D 9 1.88 26.51 31.76
C ALA D 9 2.20 27.49 32.87
N ARG D 10 2.79 28.64 32.53
CA ARG D 10 3.16 29.59 33.58
C ARG D 10 1.96 30.34 34.12
N LYS D 11 0.89 30.45 33.33
CA LYS D 11 -0.32 31.10 33.80
C LYS D 11 -1.04 30.28 34.86
N ASP D 12 -0.96 28.94 34.76
CA ASP D 12 -1.55 28.04 35.74
C ASP D 12 -0.48 27.09 36.26
N PHE D 13 0.64 27.65 36.71
CA PHE D 13 1.77 26.84 37.14
C PHE D 13 1.45 26.05 38.41
N TYR D 14 0.81 26.69 39.38
CA TYR D 14 0.51 26.01 40.64
C TYR D 14 -0.52 24.90 40.44
N GLN D 15 -1.55 25.15 39.63
CA GLN D 15 -2.52 24.11 39.35
C GLN D 15 -1.90 22.96 38.56
N LEU D 16 -0.91 23.26 37.71
CA LEU D 16 -0.21 22.22 36.98
C LEU D 16 0.50 21.27 37.94
N LEU D 17 1.23 21.83 38.92
CA LEU D 17 1.96 21.00 39.87
C LEU D 17 1.03 20.15 40.71
N LYS D 18 -0.15 20.66 41.06
CA LYS D 18 -1.11 19.84 41.79
C LYS D 18 -1.68 18.74 40.91
N ASN D 19 -1.95 19.05 39.63
CA ASN D 19 -2.57 18.07 38.74
C ASN D 19 -1.62 16.90 38.46
N VAL D 20 -0.32 17.18 38.31
CA VAL D 20 0.61 16.11 38.01
C VAL D 20 0.76 15.14 39.18
N ASN D 21 0.43 15.57 40.39
CA ASN D 21 0.48 14.68 41.55
C ASN D 21 -0.87 14.00 41.82
N ASN D 22 -1.98 14.66 41.49
CA ASN D 22 -3.29 14.05 41.71
C ASN D 22 -3.69 13.12 40.57
N ASN D 23 -3.25 13.40 39.35
CA ASN D 23 -3.61 12.57 38.20
C ASN D 23 -2.52 11.58 37.81
N HIS D 24 -1.29 11.78 38.30
CA HIS D 24 -0.18 10.85 38.05
C HIS D 24 0.12 10.69 36.56
N GLU D 25 -0.02 11.79 35.82
CA GLU D 25 0.29 11.82 34.40
C GLU D 25 1.34 12.88 34.13
N PRO D 26 2.41 12.55 33.40
CA PRO D 26 3.37 13.57 33.01
C PRO D 26 2.72 14.66 32.18
N ILE D 27 3.29 15.87 32.25
CA ILE D 27 2.82 17.01 31.48
C ILE D 27 3.97 17.49 30.61
N TYR D 28 3.77 17.47 29.30
CA TYR D 28 4.81 17.81 28.35
C TYR D 28 4.74 19.30 28.02
N ILE D 29 5.85 19.98 28.20
CA ILE D 29 5.97 21.41 27.89
C ILE D 29 6.60 21.52 26.51
N SER D 30 5.90 22.16 25.57
CA SER D 30 6.40 22.30 24.22
C SER D 30 5.79 23.54 23.59
N GLY D 31 6.67 24.41 23.06
CA GLY D 31 6.23 25.63 22.41
C GLY D 31 6.97 25.88 21.12
N ASN D 32 7.21 27.15 20.79
CA ASN D 32 7.89 27.50 19.56
C ASN D 32 9.37 27.15 19.59
N ASN D 33 9.95 26.99 20.78
CA ASN D 33 11.38 26.75 20.95
C ASN D 33 11.60 25.33 21.43
N ALA D 34 12.45 24.59 20.72
CA ALA D 34 12.79 23.23 21.10
C ALA D 34 13.70 23.18 22.32
N GLU D 35 14.32 24.31 22.68
CA GLU D 35 15.12 24.37 23.89
C GLU D 35 14.29 24.36 25.16
N ASN D 36 12.98 24.54 25.06
CA ASN D 36 12.09 24.50 26.22
C ASN D 36 11.42 23.15 26.42
N ASN D 37 11.60 22.22 25.48
CA ASN D 37 10.92 20.93 25.54
C ASN D 37 11.33 20.17 26.80
N ALA D 38 10.35 19.92 27.68
CA ALA D 38 10.60 19.28 28.95
C ALA D 38 9.34 18.56 29.40
N VAL D 39 9.49 17.76 30.45
CA VAL D 39 8.39 17.01 31.04
C VAL D 39 8.34 17.31 32.52
N ILE D 40 7.13 17.34 33.07
CA ILE D 40 6.91 17.64 34.49
C ILE D 40 6.28 16.42 35.14
N ILE D 41 6.96 15.86 36.13
CA ILE D 41 6.54 14.65 36.82
C ILE D 41 6.32 14.98 38.29
N GLY D 42 5.34 14.31 38.90
CA GLY D 42 5.20 14.39 40.34
C GLY D 42 6.38 13.74 41.04
N LEU D 43 6.73 14.30 42.21
CA LEU D 43 7.91 13.82 42.91
C LEU D 43 7.74 12.36 43.37
N GLU D 44 6.56 12.02 43.89
CA GLU D 44 6.34 10.64 44.33
C GLU D 44 6.42 9.67 43.16
N ASP D 45 5.83 10.04 42.02
CA ASP D 45 5.96 9.21 40.82
C ASP D 45 7.41 9.17 40.34
N TRP D 46 8.12 10.29 40.42
CA TRP D 46 9.51 10.33 39.99
C TRP D 46 10.39 9.43 40.87
N LYS D 47 10.14 9.45 42.18
CA LYS D 47 10.91 8.58 43.08
C LYS D 47 10.57 7.12 42.85
N SER D 48 9.30 6.82 42.56
CA SER D 48 8.93 5.45 42.22
C SER D 48 9.62 5.00 40.93
N ILE D 49 9.74 5.90 39.96
CA ILE D 49 10.44 5.57 38.72
C ILE D 49 11.93 5.36 38.97
N GLN D 50 12.55 6.23 39.78
CA GLN D 50 13.97 6.09 40.07
C GLN D 50 14.26 4.80 40.82
N GLU D 51 13.38 4.41 41.75
CA GLU D 51 13.60 3.19 42.51
C GLU D 51 13.46 1.94 41.63
N THR D 52 12.55 1.97 40.65
CA THR D 52 12.38 0.81 39.78
C THR D 52 13.63 0.55 38.97
N ILE D 53 14.24 1.60 38.40
CA ILE D 53 15.43 1.42 37.59
C ILE D 53 16.63 1.05 38.45
N TYR D 54 16.68 1.55 39.69
CA TYR D 54 17.85 1.36 40.55
C TYR D 54 17.78 0.08 41.37
N LEU D 55 16.61 -0.25 41.93
CA LEU D 55 16.53 -1.42 42.80
C LEU D 55 16.74 -2.70 42.01
N GLU D 56 16.17 -2.81 40.81
CA GLU D 56 16.32 -4.03 40.04
C GLU D 56 17.68 -4.12 39.35
N SER D 57 18.46 -3.04 39.33
CA SER D 57 19.84 -3.13 38.87
C SER D 57 20.75 -3.69 39.95
N THR D 58 20.38 -3.55 41.22
CA THR D 58 21.16 -4.07 42.33
C THR D 58 20.66 -5.44 42.75
N HIS E 1 26.37 -11.60 2.98
CA HIS E 1 27.11 -12.47 3.90
C HIS E 1 28.14 -11.69 4.70
N MET E 2 28.38 -10.43 4.29
CA MET E 2 29.34 -9.57 4.97
C MET E 2 28.68 -8.24 5.30
N SER E 3 28.93 -7.76 6.52
CA SER E 3 28.38 -6.50 7.01
C SER E 3 29.30 -5.97 8.10
N ASN E 4 29.00 -4.76 8.57
CA ASN E 4 29.83 -4.15 9.59
C ASN E 4 29.69 -4.86 10.93
N TYR E 5 28.53 -5.43 11.23
CA TYR E 5 28.27 -6.08 12.50
C TYR E 5 27.60 -7.42 12.28
N THR E 6 27.87 -8.35 13.18
CA THR E 6 27.21 -9.63 13.22
C THR E 6 26.05 -9.54 14.21
N VAL E 7 24.83 -9.76 13.73
CA VAL E 7 23.64 -9.72 14.57
C VAL E 7 23.28 -11.15 14.95
N LYS E 8 23.14 -11.39 16.26
CA LYS E 8 22.79 -12.68 16.81
C LYS E 8 21.71 -12.49 17.88
N ILE E 9 21.16 -13.60 18.35
CA ILE E 9 20.11 -13.58 19.36
C ILE E 9 20.34 -14.73 20.33
N LYS E 10 20.10 -14.46 21.62
CA LYS E 10 20.14 -15.53 22.61
C LYS E 10 19.10 -16.59 22.26
N ASN E 11 19.52 -17.86 22.36
CA ASN E 11 18.63 -18.95 21.97
C ASN E 11 17.36 -18.96 22.82
N SER E 12 17.46 -18.60 24.10
CA SER E 12 16.28 -18.51 24.95
C SER E 12 15.34 -17.38 24.52
N ALA E 13 15.84 -16.40 23.76
CA ALA E 13 15.02 -15.32 23.24
C ALA E 13 14.41 -15.65 21.88
N LYS E 14 14.70 -16.83 21.32
CA LYS E 14 14.09 -17.22 20.06
C LYS E 14 12.59 -17.45 20.18
N SER E 15 12.09 -17.64 21.40
CA SER E 15 10.65 -17.74 21.60
C SER E 15 9.94 -16.48 21.15
N ASP E 16 10.61 -15.33 21.24
CA ASP E 16 10.00 -14.08 20.81
C ASP E 16 9.81 -14.03 19.30
N LEU E 17 10.71 -14.65 18.54
CA LEU E 17 10.61 -14.61 17.09
C LEU E 17 9.37 -15.35 16.59
N LYS E 18 8.92 -16.38 17.30
CA LYS E 18 7.71 -17.08 16.90
C LYS E 18 6.49 -16.18 17.07
N LYS E 19 6.46 -15.39 18.15
CA LYS E 19 5.37 -14.43 18.34
C LYS E 19 5.44 -13.31 17.32
N ILE E 20 6.65 -12.97 16.86
CA ILE E 20 6.80 -11.94 15.83
C ILE E 20 6.22 -12.43 14.50
N LYS E 21 6.52 -13.68 14.14
CA LYS E 21 6.02 -14.23 12.88
C LYS E 21 4.50 -14.27 12.85
N HIS E 22 3.88 -14.84 13.89
CA HIS E 22 2.44 -14.97 13.92
C HIS E 22 1.73 -13.63 14.09
N SER E 23 2.43 -12.58 14.47
CA SER E 23 1.87 -11.24 14.54
C SER E 23 2.13 -10.42 13.29
N TYR E 24 2.72 -11.04 12.26
CA TYR E 24 3.03 -10.36 11.00
C TYR E 24 3.94 -9.15 11.22
N LEU E 25 4.87 -9.29 12.16
CA LEU E 25 5.88 -8.26 12.44
C LEU E 25 7.25 -8.67 11.91
N LYS E 26 7.34 -9.80 11.22
CA LYS E 26 8.63 -10.28 10.73
C LYS E 26 9.28 -9.26 9.81
N LYS E 27 8.49 -8.61 8.96
CA LYS E 27 9.03 -7.63 8.03
C LYS E 27 9.66 -6.44 8.77
N SER E 28 8.96 -5.94 9.79
CA SER E 28 9.49 -4.81 10.55
C SER E 28 10.70 -5.22 11.39
N PHE E 29 10.70 -6.46 11.90
CA PHE E 29 11.83 -6.94 12.67
C PHE E 29 13.08 -7.05 11.82
N LEU E 30 12.95 -7.57 10.59
CA LEU E 30 14.10 -7.69 9.71
C LEU E 30 14.65 -6.34 9.29
N GLU E 31 13.81 -5.30 9.27
CA GLU E 31 14.32 -3.96 9.00
C GLU E 31 15.20 -3.47 10.14
N ILE E 32 14.86 -3.83 11.38
CA ILE E 32 15.73 -3.52 12.51
C ILE E 32 17.05 -4.26 12.38
N VAL E 33 16.99 -5.53 11.97
CA VAL E 33 18.20 -6.34 11.86
C VAL E 33 19.17 -5.76 10.85
N GLU E 34 18.65 -5.30 9.71
CA GLU E 34 19.52 -4.73 8.67
C GLU E 34 20.21 -3.48 9.18
N THR E 35 19.52 -2.65 9.96
CA THR E 35 20.17 -1.50 10.56
C THR E 35 21.20 -1.93 11.59
N LEU E 36 20.90 -2.96 12.37
CA LEU E 36 21.85 -3.46 13.35
C LEU E 36 23.08 -4.07 12.67
N LYS E 37 22.92 -4.65 11.48
CA LYS E 37 24.08 -5.16 10.76
C LYS E 37 24.98 -4.03 10.26
N ASN E 38 24.39 -2.89 9.91
CA ASN E 38 25.14 -1.77 9.36
C ASN E 38 25.62 -0.81 10.44
N ASP E 39 24.73 -0.40 11.34
CA ASP E 39 25.09 0.55 12.40
C ASP E 39 24.07 0.45 13.54
N PRO E 40 24.40 -0.27 14.62
CA PRO E 40 23.45 -0.40 15.73
C PRO E 40 23.28 0.88 16.55
N TYR E 41 24.09 1.90 16.31
CA TYR E 41 23.97 3.18 17.01
C TYR E 41 23.31 4.26 16.17
N LYS E 42 22.74 3.89 15.02
CA LYS E 42 22.14 4.88 14.13
C LYS E 42 20.87 5.47 14.75
N ILE E 43 20.74 6.79 14.65
CA ILE E 43 19.61 7.51 15.23
C ILE E 43 18.38 7.30 14.35
N THR E 44 17.88 6.08 14.29
CA THR E 44 16.68 5.74 13.56
C THR E 44 15.89 4.72 14.38
N GLN E 45 14.66 4.46 13.95
CA GLN E 45 13.81 3.43 14.54
C GLN E 45 13.61 3.63 16.04
N SER E 46 13.57 4.90 16.47
CA SER E 46 13.42 5.27 17.88
C SER E 46 14.51 4.63 18.74
N PHE E 47 15.74 4.68 18.24
CA PHE E 47 16.88 4.15 18.98
C PHE E 47 17.02 4.87 20.32
N GLU E 48 17.24 4.10 21.37
CA GLU E 48 17.27 4.65 22.72
C GLU E 48 18.28 3.88 23.56
N LYS E 49 19.05 4.61 24.36
CA LYS E 49 19.97 4.02 25.33
C LYS E 49 19.21 3.83 26.63
N LEU E 50 18.96 2.57 27.00
CA LEU E 50 18.15 2.28 28.17
C LEU E 50 18.87 2.68 29.46
N GLU E 51 18.10 2.79 30.54
CA GLU E 51 18.58 3.14 31.86
C GLU E 51 18.71 1.88 32.72
N PRO E 52 19.76 1.78 33.55
CA PRO E 52 20.85 2.75 33.69
C PRO E 52 21.83 2.71 32.52
N LYS E 53 22.43 3.87 32.21
CA LYS E 53 23.24 4.00 31.00
C LYS E 53 24.47 3.11 31.05
N TYR E 54 25.03 2.86 32.24
CA TYR E 54 26.29 2.13 32.30
C TYR E 54 26.15 0.66 31.91
N LEU E 55 24.93 0.11 31.97
CA LEU E 55 24.72 -1.27 31.53
C LEU E 55 24.72 -1.38 30.00
N GLU E 56 24.56 -0.27 29.30
CA GLU E 56 24.74 -0.21 27.85
C GLU E 56 23.79 -1.15 27.11
N ARG E 57 22.53 -1.17 27.54
CA ARG E 57 21.48 -1.87 26.81
C ARG E 57 20.73 -0.87 25.94
N TYR E 58 20.40 -1.29 24.72
CA TYR E 58 19.78 -0.42 23.74
C TYR E 58 18.43 -0.99 23.31
N SER E 59 17.64 -0.15 22.64
CA SER E 59 16.29 -0.51 22.26
C SER E 59 15.94 0.14 20.93
N ARG E 60 15.26 -0.64 20.07
CA ARG E 60 14.69 -0.12 18.85
C ARG E 60 13.25 -0.63 18.73
N ARG E 61 12.43 0.12 18.01
CA ARG E 61 10.99 -0.17 17.93
C ARG E 61 10.70 -1.04 16.73
N ILE E 62 10.05 -2.18 16.98
CA ILE E 62 9.41 -2.92 15.90
C ILE E 62 8.11 -2.23 15.49
N ASN E 63 7.35 -1.76 16.47
CA ASN E 63 6.20 -0.88 16.27
C ASN E 63 6.00 -0.08 17.55
N HIS E 64 4.77 0.40 17.77
CA HIS E 64 4.49 1.17 18.97
C HIS E 64 4.60 0.32 20.23
N GLN E 65 4.41 -1.00 20.12
CA GLN E 65 4.27 -1.86 21.28
C GLN E 65 5.48 -2.72 21.58
N HIS E 66 6.20 -3.19 20.56
CA HIS E 66 7.28 -4.15 20.75
C HIS E 66 8.62 -3.52 20.44
N ARG E 67 9.65 -4.00 21.14
CA ARG E 67 11.00 -3.47 21.01
C ARG E 67 11.98 -4.60 20.76
N VAL E 68 13.13 -4.23 20.22
CA VAL E 68 14.30 -5.12 20.14
C VAL E 68 15.30 -4.60 21.16
N VAL E 69 15.49 -5.35 22.24
CA VAL E 69 16.47 -4.99 23.26
C VAL E 69 17.76 -5.75 22.96
N TYR E 70 18.89 -5.04 22.98
CA TYR E 70 20.14 -5.65 22.57
C TYR E 70 21.31 -4.92 23.21
N THR E 71 22.45 -5.61 23.25
CA THR E 71 23.73 -5.03 23.61
C THR E 71 24.68 -5.16 22.42
N VAL E 72 25.75 -4.37 22.43
CA VAL E 72 26.69 -4.32 21.32
C VAL E 72 28.09 -4.56 21.85
N ASP E 73 28.77 -5.54 21.28
CA ASP E 73 30.19 -5.78 21.56
C ASP E 73 31.00 -5.05 20.49
N ASP E 74 31.69 -3.98 20.90
CA ASP E 74 32.40 -3.14 19.94
C ASP E 74 33.72 -3.74 19.49
N ARG E 75 34.32 -4.63 20.28
CA ARG E 75 35.57 -5.25 19.88
C ARG E 75 35.35 -6.29 18.78
N ASN E 76 34.37 -7.17 18.97
CA ASN E 76 34.06 -8.20 18.00
C ASN E 76 33.02 -7.75 16.98
N LYS E 77 32.49 -6.53 17.11
CA LYS E 77 31.48 -6.00 16.19
C LYS E 77 30.28 -6.94 16.08
N GLU E 78 29.71 -7.27 17.24
CA GLU E 78 28.58 -8.19 17.31
C GLU E 78 27.44 -7.55 18.08
N VAL E 79 26.22 -7.79 17.61
CA VAL E 79 25.00 -7.30 18.25
C VAL E 79 24.26 -8.50 18.82
N LEU E 80 23.98 -8.46 20.13
CA LEU E 80 23.33 -9.56 20.82
C LEU E 80 21.90 -9.15 21.14
N ILE E 81 20.95 -9.72 20.40
CA ILE E 81 19.54 -9.46 20.66
C ILE E 81 19.11 -10.27 21.87
N LEU E 82 18.61 -9.58 22.90
CA LEU E 82 18.17 -10.23 24.13
C LEU E 82 16.65 -10.30 24.24
N SER E 83 15.91 -9.57 23.41
CA SER E 83 14.47 -9.59 23.47
C SER E 83 13.91 -9.04 22.17
N ALA E 84 12.82 -9.64 21.69
CA ALA E 84 12.14 -9.11 20.51
C ALA E 84 10.63 -9.07 20.71
N TRP E 85 10.16 -9.15 21.95
CA TRP E 85 8.73 -9.16 22.26
C TRP E 85 8.54 -8.46 23.60
N SER E 86 7.73 -7.40 23.60
CA SER E 86 7.62 -6.52 24.77
C SER E 86 6.27 -6.66 25.48
N HIS E 87 5.56 -7.75 25.24
CA HIS E 87 4.30 -8.03 25.93
C HIS E 87 4.48 -9.20 26.88
N TYR E 88 3.71 -9.18 27.97
CA TYR E 88 3.74 -10.25 28.95
C TYR E 88 2.68 -11.29 28.60
N ASP E 89 3.13 -12.50 28.29
CA ASP E 89 2.23 -13.61 27.96
C ASP E 89 2.96 -14.95 28.03
N MET F 2 -6.39 22.42 -52.82
CA MET F 2 -7.81 22.73 -52.70
C MET F 2 -8.40 22.12 -51.43
N SER F 3 -7.54 21.50 -50.63
CA SER F 3 -7.97 20.81 -49.42
C SER F 3 -7.91 21.74 -48.21
N ASN F 4 -8.61 21.33 -47.15
CA ASN F 4 -8.61 22.12 -45.92
C ASN F 4 -7.28 22.05 -45.20
N TYR F 5 -6.58 20.94 -45.30
CA TYR F 5 -5.29 20.75 -44.64
C TYR F 5 -4.28 20.25 -45.66
N THR F 6 -3.06 20.77 -45.57
CA THR F 6 -1.95 20.34 -46.42
C THR F 6 -1.15 19.29 -45.65
N VAL F 7 -1.33 18.03 -46.00
CA VAL F 7 -0.70 16.92 -45.29
C VAL F 7 0.74 16.79 -45.75
N LYS F 8 1.68 16.87 -44.81
CA LYS F 8 3.09 16.67 -45.06
C LYS F 8 3.60 15.51 -44.22
N ILE F 9 4.77 14.99 -44.60
CA ILE F 9 5.37 13.86 -43.89
C ILE F 9 6.86 14.13 -43.72
N LYS F 10 7.39 13.73 -42.57
CA LYS F 10 8.82 13.85 -42.31
C LYS F 10 9.60 12.98 -43.28
N ASN F 11 10.76 13.48 -43.72
CA ASN F 11 11.59 12.72 -44.64
C ASN F 11 12.12 11.44 -43.98
N SER F 12 12.31 11.47 -42.65
CA SER F 12 12.73 10.27 -41.95
C SER F 12 11.66 9.19 -42.02
N ALA F 13 10.39 9.58 -42.17
CA ALA F 13 9.28 8.63 -42.25
C ALA F 13 9.07 8.10 -43.65
N LYS F 14 9.89 8.50 -44.63
CA LYS F 14 9.74 7.99 -45.98
C LYS F 14 9.99 6.49 -46.06
N SER F 15 10.76 5.94 -45.12
CA SER F 15 10.99 4.50 -45.06
C SER F 15 9.70 3.72 -44.80
N ASP F 16 8.70 4.35 -44.17
CA ASP F 16 7.48 3.63 -43.82
C ASP F 16 6.62 3.35 -45.06
N LEU F 17 6.62 4.28 -46.02
CA LEU F 17 5.81 4.09 -47.22
C LEU F 17 6.33 2.95 -48.08
N LYS F 18 7.64 2.72 -48.08
CA LYS F 18 8.19 1.60 -48.83
C LYS F 18 7.66 0.27 -48.30
N LYS F 19 7.55 0.15 -46.98
CA LYS F 19 6.96 -1.05 -46.38
C LYS F 19 5.44 -1.05 -46.55
N ILE F 20 4.83 0.13 -46.62
CA ILE F 20 3.40 0.22 -46.92
C ILE F 20 3.13 -0.21 -48.35
N LYS F 21 3.98 0.22 -49.29
CA LYS F 21 3.79 -0.11 -50.69
C LYS F 21 3.94 -1.61 -50.92
N HIS F 22 4.87 -2.26 -50.23
CA HIS F 22 5.18 -3.67 -50.46
C HIS F 22 4.31 -4.62 -49.64
N SER F 23 3.22 -4.13 -49.04
CA SER F 23 2.39 -4.93 -48.14
C SER F 23 0.91 -4.72 -48.42
N TYR F 24 0.56 -4.18 -49.58
CA TYR F 24 -0.82 -4.00 -50.03
C TYR F 24 -1.64 -3.14 -49.07
N LEU F 25 -0.98 -2.34 -48.23
CA LEU F 25 -1.66 -1.43 -47.33
C LEU F 25 -1.69 -0.01 -47.87
N LYS F 26 -1.31 0.20 -49.13
CA LYS F 26 -1.28 1.54 -49.69
C LYS F 26 -2.68 2.12 -49.82
N LYS F 27 -3.66 1.30 -50.21
CA LYS F 27 -5.02 1.80 -50.39
C LYS F 27 -5.60 2.30 -49.07
N SER F 28 -5.44 1.52 -48.00
CA SER F 28 -5.94 1.96 -46.71
C SER F 28 -5.17 3.17 -46.18
N PHE F 29 -3.89 3.29 -46.53
CA PHE F 29 -3.12 4.45 -46.10
C PHE F 29 -3.58 5.72 -46.83
N LEU F 30 -3.86 5.61 -48.13
CA LEU F 30 -4.30 6.78 -48.89
C LEU F 30 -5.68 7.26 -48.45
N GLU F 31 -6.56 6.34 -48.05
CA GLU F 31 -7.86 6.75 -47.52
C GLU F 31 -7.70 7.54 -46.23
N ILE F 32 -6.68 7.22 -45.43
CA ILE F 32 -6.40 8.02 -44.24
C ILE F 32 -5.87 9.39 -44.64
N VAL F 33 -5.00 9.43 -45.65
CA VAL F 33 -4.46 10.71 -46.11
C VAL F 33 -5.57 11.60 -46.65
N GLU F 34 -6.57 11.00 -47.30
CA GLU F 34 -7.71 11.77 -47.79
C GLU F 34 -8.51 12.37 -46.64
N THR F 35 -8.67 11.62 -45.55
CA THR F 35 -9.36 12.16 -44.38
C THR F 35 -8.56 13.26 -43.70
N LEU F 36 -7.22 13.10 -43.67
CA LEU F 36 -6.38 14.11 -43.06
C LEU F 36 -6.44 15.44 -43.81
N LYS F 37 -6.64 15.39 -45.13
CA LYS F 37 -6.81 16.62 -45.89
C LYS F 37 -8.15 17.29 -45.57
N ASN F 38 -9.19 16.49 -45.34
CA ASN F 38 -10.51 17.04 -45.08
C ASN F 38 -10.70 17.40 -43.62
N ASP F 39 -10.51 16.43 -42.72
CA ASP F 39 -10.73 16.64 -41.29
C ASP F 39 -9.84 15.66 -40.51
N PRO F 40 -8.69 16.12 -40.00
CA PRO F 40 -7.83 15.23 -39.21
C PRO F 40 -8.39 14.88 -37.85
N TYR F 41 -9.47 15.52 -37.41
CA TYR F 41 -10.14 15.19 -36.16
C TYR F 41 -11.42 14.39 -36.38
N LYS F 42 -11.64 13.91 -37.60
CA LYS F 42 -12.84 13.14 -37.91
C LYS F 42 -12.87 11.84 -37.12
N ILE F 43 -14.03 11.51 -36.56
CA ILE F 43 -14.20 10.31 -35.75
C ILE F 43 -14.37 9.10 -36.67
N THR F 44 -13.29 8.74 -37.37
CA THR F 44 -13.27 7.58 -38.25
C THR F 44 -11.91 6.92 -38.16
N GLN F 45 -11.83 5.69 -38.69
CA GLN F 45 -10.55 4.99 -38.85
C GLN F 45 -9.83 4.79 -37.52
N SER F 46 -10.61 4.58 -36.46
CA SER F 46 -10.08 4.40 -35.10
C SER F 46 -9.19 5.56 -34.70
N PHE F 47 -9.61 6.78 -35.06
CA PHE F 47 -8.90 7.98 -34.66
C PHE F 47 -8.81 8.05 -33.13
N GLU F 48 -7.59 8.26 -32.64
CA GLU F 48 -7.36 8.29 -31.20
C GLU F 48 -6.40 9.41 -30.86
N LYS F 49 -6.66 10.08 -29.74
CA LYS F 49 -5.75 11.08 -29.20
C LYS F 49 -4.73 10.39 -28.31
N LEU F 50 -3.46 10.46 -28.70
CA LEU F 50 -2.41 9.78 -27.96
C LEU F 50 -2.11 10.51 -26.66
N GLU F 51 -1.64 9.75 -25.67
CA GLU F 51 -1.19 10.22 -24.37
C GLU F 51 0.32 10.41 -24.38
N PRO F 52 0.86 11.47 -23.73
CA PRO F 52 0.12 12.50 -23.00
C PRO F 52 -0.56 13.50 -23.92
N LYS F 53 -1.79 13.90 -23.55
CA LYS F 53 -2.62 14.69 -24.45
C LYS F 53 -2.09 16.10 -24.67
N TYR F 54 -1.22 16.60 -23.78
CA TYR F 54 -0.73 17.96 -23.97
C TYR F 54 0.23 18.07 -25.15
N LEU F 55 0.81 16.96 -25.60
CA LEU F 55 1.63 16.97 -26.81
C LEU F 55 0.80 16.92 -28.08
N GLU F 56 -0.48 16.57 -27.98
CA GLU F 56 -1.42 16.60 -29.09
C GLU F 56 -0.94 15.76 -30.26
N ARG F 57 -0.69 14.49 -29.99
CA ARG F 57 -0.37 13.51 -31.02
C ARG F 57 -1.58 12.63 -31.27
N TYR F 58 -1.79 12.25 -32.52
CA TYR F 58 -2.95 11.47 -32.91
C TYR F 58 -2.52 10.25 -33.72
N SER F 59 -3.41 9.26 -33.79
CA SER F 59 -3.13 8.07 -34.57
C SER F 59 -4.41 7.57 -35.23
N ARG F 60 -4.26 6.99 -36.41
CA ARG F 60 -5.33 6.31 -37.12
C ARG F 60 -4.81 4.96 -37.59
N ARG F 61 -5.71 3.97 -37.63
CA ARG F 61 -5.33 2.60 -37.95
C ARG F 61 -5.32 2.39 -39.46
N ILE F 62 -4.17 2.00 -40.01
CA ILE F 62 -4.12 1.49 -41.38
C ILE F 62 -4.75 0.10 -41.44
N ASN F 63 -4.31 -0.79 -40.55
CA ASN F 63 -4.94 -2.09 -40.36
C ASN F 63 -4.95 -2.36 -38.86
N HIS F 64 -5.08 -3.63 -38.48
CA HIS F 64 -5.10 -3.99 -37.08
C HIS F 64 -3.77 -3.71 -36.38
N GLN F 65 -2.68 -3.62 -37.13
CA GLN F 65 -1.34 -3.53 -36.55
C GLN F 65 -0.69 -2.17 -36.71
N HIS F 66 -0.77 -1.56 -37.89
CA HIS F 66 -0.03 -0.34 -38.20
C HIS F 66 -0.90 0.89 -38.02
N ARG F 67 -0.25 2.00 -37.67
CA ARG F 67 -0.93 3.25 -37.39
C ARG F 67 -0.29 4.38 -38.20
N VAL F 68 -1.03 5.48 -38.30
CA VAL F 68 -0.53 6.74 -38.85
C VAL F 68 -0.44 7.71 -37.68
N VAL F 69 0.75 7.86 -37.10
CA VAL F 69 0.97 8.78 -35.99
C VAL F 69 1.32 10.14 -36.58
N TYR F 70 0.58 11.17 -36.17
CA TYR F 70 0.72 12.49 -36.78
C TYR F 70 0.37 13.56 -35.76
N THR F 71 0.83 14.78 -36.05
CA THR F 71 0.43 15.98 -35.35
C THR F 71 -0.33 16.89 -36.32
N VAL F 72 -1.02 17.89 -35.76
CA VAL F 72 -1.83 18.81 -36.54
C VAL F 72 -1.48 20.24 -36.15
N ASP F 73 -1.17 21.06 -37.16
CA ASP F 73 -0.90 22.48 -36.98
C ASP F 73 -2.20 23.22 -37.28
N ASP F 74 -2.91 23.61 -36.22
CA ASP F 74 -4.25 24.18 -36.42
C ASP F 74 -4.23 25.60 -36.94
N ARG F 75 -3.16 26.36 -36.69
CA ARG F 75 -3.12 27.73 -37.17
C ARG F 75 -2.69 27.81 -38.63
N ASN F 76 -1.85 26.87 -39.08
CA ASN F 76 -1.40 26.82 -40.46
C ASN F 76 -2.14 25.77 -41.29
N LYS F 77 -3.05 25.01 -40.67
CA LYS F 77 -3.83 23.99 -41.35
C LYS F 77 -2.93 22.98 -42.06
N GLU F 78 -1.97 22.43 -41.32
CA GLU F 78 -1.04 21.43 -41.84
C GLU F 78 -1.05 20.21 -40.93
N VAL F 79 -0.91 19.03 -41.54
CA VAL F 79 -0.83 17.77 -40.83
C VAL F 79 0.54 17.17 -41.11
N LEU F 80 1.27 16.86 -40.06
CA LEU F 80 2.63 16.32 -40.16
C LEU F 80 2.60 14.84 -39.80
N ILE F 81 2.76 13.99 -40.80
CA ILE F 81 2.83 12.54 -40.58
C ILE F 81 4.23 12.19 -40.06
N LEU F 82 4.28 11.60 -38.87
CA LEU F 82 5.54 11.21 -38.25
C LEU F 82 5.81 9.71 -38.31
N SER F 83 4.79 8.88 -38.53
CA SER F 83 4.99 7.45 -38.60
C SER F 83 3.86 6.83 -39.40
N ALA F 84 4.21 5.99 -40.38
CA ALA F 84 3.21 5.22 -41.12
C ALA F 84 3.46 3.72 -41.06
N TRP F 85 4.30 3.25 -40.15
CA TRP F 85 4.61 1.83 -40.03
C TRP F 85 4.91 1.53 -38.58
N SER F 86 4.11 0.68 -37.95
CA SER F 86 4.20 0.44 -36.52
C SER F 86 4.98 -0.82 -36.18
N HIS F 87 6.02 -1.14 -36.95
CA HIS F 87 6.83 -2.33 -36.72
C HIS F 87 8.29 -1.99 -36.97
N TYR F 88 9.18 -2.71 -36.28
CA TYR F 88 10.60 -2.44 -36.41
C TYR F 88 11.17 -2.92 -37.74
N ASP F 89 10.51 -3.88 -38.39
CA ASP F 89 10.93 -4.37 -39.70
C ASP F 89 9.97 -3.91 -40.78
N MET G 1 -14.54 -24.90 -42.98
CA MET G 1 -14.94 -23.52 -42.73
C MET G 1 -16.45 -23.38 -42.73
N ILE G 2 -16.99 -22.72 -41.70
CA ILE G 2 -18.41 -22.42 -41.62
C ILE G 2 -18.62 -21.02 -42.18
N ILE G 3 -19.16 -20.94 -43.39
CA ILE G 3 -19.33 -19.67 -44.10
C ILE G 3 -20.81 -19.37 -44.23
N THR G 4 -21.18 -18.11 -43.97
CA THR G 4 -22.57 -17.69 -44.05
C THR G 4 -22.63 -16.25 -44.53
N SER G 5 -23.82 -15.82 -44.94
CA SER G 5 -24.06 -14.46 -45.37
C SER G 5 -24.38 -13.58 -44.18
N PRO G 6 -24.16 -12.26 -44.31
CA PRO G 6 -24.54 -11.36 -43.20
C PRO G 6 -26.01 -11.43 -42.84
N THR G 7 -26.89 -11.61 -43.83
CA THR G 7 -28.32 -11.69 -43.54
C THR G 7 -28.66 -12.98 -42.81
N GLU G 8 -28.14 -14.12 -43.30
CA GLU G 8 -28.37 -15.39 -42.60
C GLU G 8 -27.70 -15.41 -41.24
N ALA G 9 -26.54 -14.74 -41.10
CA ALA G 9 -25.90 -14.66 -39.80
C ALA G 9 -26.69 -13.79 -38.82
N ARG G 10 -27.52 -12.87 -39.32
CA ARG G 10 -28.29 -12.02 -38.42
C ARG G 10 -29.50 -12.75 -37.84
N LYS G 11 -30.13 -13.63 -38.62
CA LYS G 11 -31.27 -14.39 -38.12
C LYS G 11 -30.85 -15.59 -37.28
N ASP G 12 -29.58 -15.98 -37.33
CA ASP G 12 -29.05 -17.06 -36.50
C ASP G 12 -27.93 -16.55 -35.60
N PHE G 13 -27.99 -15.26 -35.23
CA PHE G 13 -26.87 -14.62 -34.57
C PHE G 13 -26.60 -15.23 -33.19
N TYR G 14 -27.65 -15.41 -32.39
CA TYR G 14 -27.45 -15.95 -31.04
C TYR G 14 -26.94 -17.39 -31.07
N GLN G 15 -27.32 -18.16 -32.09
CA GLN G 15 -26.82 -19.53 -32.19
C GLN G 15 -25.38 -19.58 -32.69
N LEU G 16 -24.99 -18.63 -33.55
CA LEU G 16 -23.60 -18.57 -34.00
C LEU G 16 -22.67 -18.19 -32.86
N LEU G 17 -23.13 -17.33 -31.94
CA LEU G 17 -22.29 -16.95 -30.80
C LEU G 17 -22.00 -18.14 -29.90
N LYS G 18 -22.97 -19.04 -29.75
CA LYS G 18 -22.76 -20.23 -28.93
C LYS G 18 -21.97 -21.30 -29.66
N ASN G 19 -21.92 -21.26 -31.00
CA ASN G 19 -21.18 -22.25 -31.75
C ASN G 19 -19.68 -21.98 -31.73
N VAL G 20 -19.29 -20.71 -31.82
CA VAL G 20 -17.87 -20.37 -31.81
C VAL G 20 -17.23 -20.61 -30.45
N ASN G 21 -18.03 -20.74 -29.39
CA ASN G 21 -17.50 -20.99 -28.05
C ASN G 21 -17.50 -22.46 -27.66
N ASN G 22 -18.36 -23.28 -28.29
CA ASN G 22 -18.38 -24.71 -28.01
C ASN G 22 -17.52 -25.49 -28.99
N ASN G 23 -17.67 -25.22 -30.29
CA ASN G 23 -16.89 -25.92 -31.30
C ASN G 23 -15.51 -25.32 -31.51
N HIS G 24 -15.26 -24.12 -30.98
CA HIS G 24 -13.96 -23.44 -31.10
C HIS G 24 -13.53 -23.28 -32.55
N GLU G 25 -14.48 -23.10 -33.46
CA GLU G 25 -14.19 -22.95 -34.87
C GLU G 25 -14.67 -21.58 -35.35
N PRO G 26 -13.80 -20.81 -36.00
CA PRO G 26 -14.22 -19.48 -36.48
C PRO G 26 -15.31 -19.59 -37.52
N ILE G 27 -16.28 -18.66 -37.45
CA ILE G 27 -17.38 -18.58 -38.39
C ILE G 27 -17.16 -17.39 -39.28
N TYR G 28 -17.11 -17.62 -40.60
CA TYR G 28 -16.81 -16.59 -41.58
C TYR G 28 -18.10 -16.02 -42.14
N ILE G 29 -18.12 -14.71 -42.34
CA ILE G 29 -19.28 -13.99 -42.87
C ILE G 29 -18.87 -13.38 -44.20
N SER G 30 -19.55 -13.79 -45.28
CA SER G 30 -19.26 -13.31 -46.62
C SER G 30 -20.57 -13.01 -47.33
N GLY G 31 -20.68 -11.80 -47.87
CA GLY G 31 -21.87 -11.40 -48.58
C GLY G 31 -21.57 -10.83 -49.95
N ASN G 32 -22.59 -10.25 -50.60
CA ASN G 32 -22.40 -9.69 -51.94
C ASN G 32 -21.38 -8.56 -51.92
N ASN G 33 -21.37 -7.77 -50.86
CA ASN G 33 -20.38 -6.71 -50.68
C ASN G 33 -19.23 -7.29 -49.86
N ALA G 34 -18.18 -7.74 -50.55
CA ALA G 34 -17.09 -8.45 -49.89
C ALA G 34 -16.27 -7.54 -48.97
N GLU G 35 -16.35 -6.22 -49.16
CA GLU G 35 -15.59 -5.32 -48.30
C GLU G 35 -16.11 -5.31 -46.86
N ASN G 36 -17.29 -5.89 -46.60
CA ASN G 36 -17.86 -5.97 -45.26
C ASN G 36 -17.77 -7.38 -44.69
N ASN G 37 -16.91 -8.23 -45.25
CA ASN G 37 -16.74 -9.58 -44.73
C ASN G 37 -16.01 -9.54 -43.40
N ALA G 38 -16.39 -10.44 -42.50
CA ALA G 38 -15.83 -10.46 -41.16
C ALA G 38 -15.75 -11.90 -40.66
N VAL G 39 -15.18 -12.06 -39.46
CA VAL G 39 -15.04 -13.35 -38.81
C VAL G 39 -15.53 -13.22 -37.37
N ILE G 40 -16.20 -14.27 -36.88
CA ILE G 40 -16.68 -14.32 -35.50
C ILE G 40 -15.89 -15.41 -34.78
N ILE G 41 -15.25 -15.03 -33.67
CA ILE G 41 -14.41 -15.94 -32.90
C ILE G 41 -14.83 -15.87 -31.44
N GLY G 42 -14.76 -17.00 -30.74
CA GLY G 42 -15.00 -17.00 -29.32
C GLY G 42 -13.98 -16.16 -28.58
N LEU G 43 -14.41 -15.57 -27.46
CA LEU G 43 -13.55 -14.65 -26.72
C LEU G 43 -12.34 -15.36 -26.14
N GLU G 44 -12.53 -16.55 -25.56
CA GLU G 44 -11.40 -17.29 -25.00
C GLU G 44 -10.37 -17.62 -26.07
N ASP G 45 -10.83 -18.04 -27.25
CA ASP G 45 -9.90 -18.33 -28.34
C ASP G 45 -9.23 -17.08 -28.87
N TRP G 46 -9.94 -15.94 -28.84
CA TRP G 46 -9.35 -14.69 -29.33
C TRP G 46 -8.24 -14.19 -28.43
N LYS G 47 -8.32 -14.47 -27.12
CA LYS G 47 -7.30 -13.98 -26.20
C LYS G 47 -5.95 -14.62 -26.47
N SER G 48 -5.94 -15.89 -26.90
CA SER G 48 -4.69 -16.53 -27.29
C SER G 48 -4.16 -15.91 -28.58
N ILE G 49 -5.04 -15.55 -29.50
CA ILE G 49 -4.61 -14.97 -30.78
C ILE G 49 -4.07 -13.56 -30.55
N GLN G 50 -4.78 -12.76 -29.76
CA GLN G 50 -4.32 -11.38 -29.52
C GLN G 50 -3.04 -11.36 -28.69
N GLU G 51 -2.91 -12.29 -27.74
CA GLU G 51 -1.68 -12.39 -26.98
C GLU G 51 -0.50 -12.71 -27.88
N THR G 52 -0.70 -13.61 -28.85
CA THR G 52 0.38 -13.93 -29.78
C THR G 52 0.69 -12.76 -30.71
N ILE G 53 -0.36 -12.12 -31.25
CA ILE G 53 -0.15 -11.00 -32.16
C ILE G 53 0.61 -9.87 -31.47
N TYR G 54 0.29 -9.63 -30.19
CA TYR G 54 0.99 -8.59 -29.45
C TYR G 54 2.48 -8.91 -29.32
N LEU G 55 2.80 -10.17 -28.99
CA LEU G 55 4.20 -10.56 -28.88
C LEU G 55 4.90 -10.62 -30.23
N GLU G 56 4.14 -10.81 -31.32
CA GLU G 56 4.72 -10.73 -32.66
C GLU G 56 4.92 -9.29 -33.10
N SER G 57 3.99 -8.40 -32.72
CA SER G 57 4.11 -6.99 -33.13
C SER G 57 5.26 -6.29 -32.43
N THR G 58 5.57 -6.69 -31.20
CA THR G 58 6.66 -6.10 -30.44
C THR G 58 8.02 -6.70 -30.78
N GLY G 59 8.08 -7.61 -31.74
CA GLY G 59 9.33 -8.24 -32.10
C GLY G 59 9.89 -9.18 -31.06
N THR G 60 9.10 -9.54 -30.05
CA THR G 60 9.60 -10.42 -29.00
C THR G 60 9.53 -11.88 -29.40
N MET G 61 8.55 -12.27 -30.23
CA MET G 61 8.54 -13.62 -30.77
C MET G 61 9.75 -13.85 -31.67
N ASP G 62 10.25 -12.79 -32.32
CA ASP G 62 11.49 -12.91 -33.08
C ASP G 62 12.66 -13.25 -32.18
N LYS G 63 12.81 -12.49 -31.09
CA LYS G 63 13.89 -12.78 -30.15
C LYS G 63 13.62 -14.06 -29.36
N VAL G 64 12.36 -14.48 -29.25
CA VAL G 64 12.08 -15.78 -28.66
C VAL G 64 12.55 -16.91 -29.57
N ARG G 65 12.28 -16.79 -30.87
CA ARG G 65 12.65 -17.86 -31.79
C ARG G 65 14.16 -17.98 -31.94
N GLU G 66 14.87 -16.85 -31.95
CA GLU G 66 16.33 -16.92 -32.05
C GLU G 66 16.95 -17.45 -30.76
N ARG G 67 16.29 -17.24 -29.62
CA ARG G 67 16.84 -17.73 -28.36
C ARG G 67 16.66 -19.23 -28.22
N GLU G 68 15.62 -19.80 -28.83
CA GLU G 68 15.46 -21.24 -28.84
C GLU G 68 16.53 -21.94 -29.68
N LYS G 69 17.15 -21.22 -30.61
CA LYS G 69 18.12 -21.81 -31.53
C LYS G 69 19.56 -21.56 -31.15
N ASP G 70 19.84 -20.63 -30.23
CA ASP G 70 21.22 -20.36 -29.85
C ASP G 70 21.71 -21.42 -28.87
N ASN G 71 23.00 -21.37 -28.59
CA ASN G 71 23.66 -22.30 -27.69
C ASN G 71 24.28 -21.57 -26.51
N SER G 72 23.58 -20.54 -26.01
CA SER G 72 24.08 -19.74 -24.90
C SER G 72 23.92 -20.42 -23.55
N GLY G 73 23.25 -21.57 -23.48
CA GLY G 73 23.07 -22.25 -22.23
C GLY G 73 21.93 -21.68 -21.42
N THR G 74 21.72 -22.28 -20.25
CA THR G 74 20.65 -21.88 -19.35
C THR G 74 21.20 -21.60 -17.96
N THR G 75 20.40 -20.89 -17.17
CA THR G 75 20.75 -20.57 -15.79
C THR G 75 19.51 -20.75 -14.92
N ASN G 76 19.66 -21.49 -13.82
CA ASN G 76 18.57 -21.62 -12.86
C ASN G 76 18.19 -20.25 -12.34
N ILE G 77 16.88 -19.97 -12.31
CA ILE G 77 16.41 -18.64 -11.96
C ILE G 77 16.77 -18.29 -10.52
N ASP G 78 16.95 -19.30 -9.66
CA ASP G 78 17.36 -19.04 -8.29
C ASP G 78 18.82 -18.60 -8.19
N ASP G 79 19.64 -18.95 -9.17
CA ASP G 79 21.05 -18.59 -9.18
C ASP G 79 21.30 -17.22 -9.83
N ILE G 80 20.24 -16.50 -10.21
CA ILE G 80 20.41 -15.17 -10.78
C ILE G 80 20.84 -14.20 -9.68
N ASP G 81 21.94 -13.49 -9.93
CA ASP G 81 22.42 -12.46 -9.00
C ASP G 81 21.92 -11.11 -9.52
N TRP G 82 20.84 -10.62 -8.93
CA TRP G 82 20.19 -9.41 -9.43
C TRP G 82 21.04 -8.17 -9.22
N ASP G 83 21.95 -8.17 -8.24
CA ASP G 83 22.76 -7.00 -7.96
C ASP G 83 23.87 -6.78 -8.97
N ASN G 84 24.02 -7.66 -9.95
CA ASN G 84 25.03 -7.48 -11.00
C ASN G 84 24.44 -7.25 -12.37
N LEU G 85 23.20 -7.69 -12.61
CA LEU G 85 22.56 -7.51 -13.90
C LEU G 85 21.05 -7.69 -13.77
N MET H 1 -8.20 -10.94 -19.65
CA MET H 1 -9.18 -9.88 -19.42
C MET H 1 -10.60 -10.43 -19.51
N ILE H 2 -11.51 -9.85 -18.74
CA ILE H 2 -12.91 -10.26 -18.74
C ILE H 2 -13.80 -9.04 -18.97
N ILE H 3 -14.99 -9.30 -19.49
CA ILE H 3 -16.01 -8.28 -19.68
C ILE H 3 -17.23 -8.69 -18.87
N THR H 4 -17.73 -7.78 -18.03
CA THR H 4 -18.87 -8.08 -17.19
C THR H 4 -19.71 -6.82 -17.01
N SER H 5 -20.96 -7.03 -16.60
CA SER H 5 -21.87 -5.93 -16.31
C SER H 5 -21.56 -5.35 -14.93
N PRO H 6 -21.99 -4.11 -14.67
CA PRO H 6 -21.81 -3.55 -13.33
C PRO H 6 -22.49 -4.36 -12.23
N THR H 7 -23.63 -4.98 -12.55
CA THR H 7 -24.35 -5.75 -11.54
C THR H 7 -23.61 -7.02 -11.16
N GLU H 8 -23.09 -7.75 -12.16
CA GLU H 8 -22.34 -8.97 -11.87
C GLU H 8 -21.01 -8.64 -11.19
N ALA H 9 -20.40 -7.52 -11.55
CA ALA H 9 -19.15 -7.12 -10.91
C ALA H 9 -19.37 -6.77 -9.44
N ARG H 10 -20.52 -6.17 -9.13
CA ARG H 10 -20.80 -5.80 -7.74
C ARG H 10 -21.03 -7.03 -6.88
N LYS H 11 -21.56 -8.11 -7.45
CA LYS H 11 -21.78 -9.33 -6.69
C LYS H 11 -20.48 -10.01 -6.28
N ASP H 12 -19.37 -9.67 -6.92
CA ASP H 12 -18.06 -10.27 -6.62
C ASP H 12 -16.99 -9.19 -6.64
N PHE H 13 -17.25 -8.09 -5.91
CA PHE H 13 -16.41 -6.90 -6.03
C PHE H 13 -15.04 -7.11 -5.41
N TYR H 14 -14.97 -7.83 -4.29
CA TYR H 14 -13.70 -8.00 -3.61
C TYR H 14 -12.79 -8.98 -4.36
N GLN H 15 -13.37 -10.04 -4.92
CA GLN H 15 -12.59 -10.95 -5.76
C GLN H 15 -12.11 -10.26 -7.03
N LEU H 16 -12.88 -9.28 -7.52
CA LEU H 16 -12.48 -8.55 -8.71
C LEU H 16 -11.20 -7.75 -8.46
N LEU H 17 -11.13 -7.05 -7.32
CA LEU H 17 -9.98 -6.22 -7.03
C LEU H 17 -8.71 -7.06 -6.85
N LYS H 18 -8.86 -8.32 -6.44
CA LYS H 18 -7.70 -9.19 -6.31
C LYS H 18 -7.27 -9.76 -7.66
N ASN H 19 -8.21 -9.96 -8.59
CA ASN H 19 -7.86 -10.56 -9.86
C ASN H 19 -7.11 -9.58 -10.77
N VAL H 20 -7.51 -8.31 -10.76
CA VAL H 20 -6.84 -7.32 -11.60
C VAL H 20 -5.38 -7.15 -11.20
N ASN H 21 -5.02 -7.49 -9.96
CA ASN H 21 -3.64 -7.41 -9.50
C ASN H 21 -2.89 -8.72 -9.67
N ASN H 22 -3.53 -9.85 -9.35
CA ASN H 22 -2.86 -11.14 -9.48
C ASN H 22 -2.75 -11.56 -10.95
N ASN H 23 -3.81 -11.37 -11.72
CA ASN H 23 -3.80 -11.75 -13.12
C ASN H 23 -3.27 -10.65 -14.03
N HIS H 24 -3.07 -9.44 -13.50
CA HIS H 24 -2.58 -8.30 -14.28
C HIS H 24 -3.45 -8.07 -15.52
N GLU H 25 -4.74 -8.29 -15.36
CA GLU H 25 -5.71 -8.23 -16.44
C GLU H 25 -6.65 -7.05 -16.25
N PRO H 26 -7.04 -6.37 -17.32
CA PRO H 26 -8.10 -5.36 -17.22
C PRO H 26 -9.46 -6.03 -17.18
N ILE H 27 -10.32 -5.56 -16.28
CA ILE H 27 -11.68 -6.05 -16.16
C ILE H 27 -12.60 -4.93 -16.62
N TYR H 28 -13.23 -5.12 -17.78
CA TYR H 28 -14.08 -4.10 -18.38
C TYR H 28 -15.48 -4.19 -17.82
N ILE H 29 -16.03 -3.04 -17.43
CA ILE H 29 -17.37 -2.94 -16.88
C ILE H 29 -18.26 -2.38 -17.98
N SER H 30 -19.18 -3.19 -18.48
CA SER H 30 -20.07 -2.79 -19.57
C SER H 30 -21.43 -3.42 -19.36
N GLY H 31 -22.47 -2.60 -19.30
CA GLY H 31 -23.83 -3.05 -19.10
C GLY H 31 -24.77 -2.37 -20.08
N ASN H 32 -26.01 -2.19 -19.62
CA ASN H 32 -27.03 -1.56 -20.46
C ASN H 32 -26.73 -0.09 -20.71
N ASN H 33 -26.34 0.63 -19.66
CA ASN H 33 -26.03 2.05 -19.80
C ASN H 33 -24.73 2.23 -20.56
N ALA H 34 -24.76 3.06 -21.62
CA ALA H 34 -23.61 3.20 -22.49
C ALA H 34 -22.44 3.89 -21.80
N GLU H 35 -22.71 4.73 -20.80
CA GLU H 35 -21.67 5.52 -20.16
C GLU H 35 -21.38 5.08 -18.74
N ASN H 36 -21.80 3.88 -18.37
CA ASN H 36 -21.25 3.18 -17.22
C ASN H 36 -20.01 2.37 -17.60
N ASN H 37 -19.53 2.53 -18.83
CA ASN H 37 -18.42 1.72 -19.34
C ASN H 37 -17.11 2.22 -18.79
N ALA H 38 -16.43 1.39 -18.01
CA ALA H 38 -15.15 1.73 -17.42
C ALA H 38 -14.28 0.48 -17.40
N VAL H 39 -13.04 0.66 -16.98
CA VAL H 39 -12.11 -0.45 -16.81
C VAL H 39 -11.52 -0.37 -15.41
N ILE H 40 -11.26 -1.55 -14.84
CA ILE H 40 -10.65 -1.66 -13.51
C ILE H 40 -9.33 -2.39 -13.67
N ILE H 41 -8.25 -1.74 -13.27
CA ILE H 41 -6.90 -2.31 -13.36
C ILE H 41 -6.22 -2.19 -12.02
N GLY H 42 -5.24 -3.07 -11.80
CA GLY H 42 -4.46 -3.01 -10.57
C GLY H 42 -3.62 -1.75 -10.49
N LEU H 43 -3.41 -1.28 -9.26
CA LEU H 43 -2.72 -0.02 -9.06
C LEU H 43 -1.27 -0.08 -9.54
N GLU H 44 -0.57 -1.17 -9.23
CA GLU H 44 0.82 -1.30 -9.68
C GLU H 44 0.91 -1.34 -11.19
N ASP H 45 -0.06 -1.99 -11.85
CA ASP H 45 -0.12 -1.96 -13.31
C ASP H 45 -0.35 -0.54 -13.80
N TRP H 46 -1.21 0.21 -13.11
CA TRP H 46 -1.45 1.61 -13.48
C TRP H 46 -0.20 2.46 -13.29
N LYS H 47 0.60 2.17 -12.26
CA LYS H 47 1.86 2.87 -12.08
C LYS H 47 2.78 2.68 -13.28
N SER H 48 3.02 1.43 -13.67
CA SER H 48 3.91 1.16 -14.79
C SER H 48 3.40 1.78 -16.08
N ILE H 49 2.08 1.80 -16.26
CA ILE H 49 1.50 2.44 -17.44
C ILE H 49 1.78 3.94 -17.42
N GLN H 50 1.60 4.59 -16.27
CA GLN H 50 1.89 6.00 -16.16
C GLN H 50 3.36 6.29 -16.44
N GLU H 51 4.26 5.43 -15.96
CA GLU H 51 5.68 5.62 -16.22
C GLU H 51 6.00 5.45 -17.70
N THR H 52 5.23 4.61 -18.40
CA THR H 52 5.47 4.40 -19.83
C THR H 52 4.98 5.59 -20.64
N ILE H 53 3.84 6.17 -20.25
CA ILE H 53 3.28 7.30 -20.99
C ILE H 53 4.25 8.48 -20.96
N TYR H 54 4.92 8.70 -19.83
CA TYR H 54 5.75 9.87 -19.65
C TYR H 54 7.24 9.59 -19.78
N LEU H 55 7.62 8.37 -20.17
CA LEU H 55 9.03 8.09 -20.46
C LEU H 55 9.35 8.66 -21.84
N GLU H 56 10.35 9.53 -21.91
CA GLU H 56 10.67 10.22 -23.15
C GLU H 56 12.17 10.48 -23.25
N MET I 1 -11.11 -0.40 -27.76
CA MET I 1 -12.01 -1.35 -27.11
C MET I 1 -13.46 -0.98 -27.37
N ILE I 2 -14.15 -1.78 -28.18
CA ILE I 2 -15.55 -1.57 -28.51
C ILE I 2 -16.33 -2.76 -28.01
N ILE I 3 -17.18 -2.53 -27.01
CA ILE I 3 -17.99 -3.58 -26.38
C ILE I 3 -19.45 -3.26 -26.64
N THR I 4 -20.21 -4.28 -27.03
CA THR I 4 -21.64 -4.15 -27.24
C THR I 4 -22.33 -5.46 -26.88
N SER I 5 -23.59 -5.36 -26.50
CA SER I 5 -24.40 -6.54 -26.22
C SER I 5 -24.80 -7.22 -27.51
N PRO I 6 -25.17 -8.51 -27.45
CA PRO I 6 -25.64 -9.19 -28.67
C PRO I 6 -26.90 -8.56 -29.26
N THR I 7 -27.81 -8.06 -28.42
CA THR I 7 -29.04 -7.46 -28.92
C THR I 7 -28.77 -6.17 -29.67
N GLU I 8 -27.98 -5.26 -29.07
CA GLU I 8 -27.62 -4.03 -29.77
C GLU I 8 -26.78 -4.32 -31.01
N ALA I 9 -26.00 -5.40 -30.99
CA ALA I 9 -25.24 -5.78 -32.17
C ALA I 9 -26.16 -6.20 -33.30
N ARG I 10 -27.25 -6.89 -32.98
CA ARG I 10 -28.16 -7.36 -34.03
C ARG I 10 -29.00 -6.22 -34.60
N LYS I 11 -29.34 -5.22 -33.77
CA LYS I 11 -30.08 -4.07 -34.27
C LYS I 11 -29.29 -3.28 -35.31
N ASP I 12 -27.97 -3.38 -35.29
CA ASP I 12 -27.11 -2.66 -36.23
C ASP I 12 -26.03 -3.59 -36.75
N PHE I 13 -26.44 -4.78 -37.21
CA PHE I 13 -25.48 -5.81 -37.57
C PHE I 13 -24.68 -5.43 -38.81
N TYR I 14 -25.35 -4.84 -39.81
CA TYR I 14 -24.66 -4.51 -41.06
C TYR I 14 -23.68 -3.35 -40.88
N GLN I 15 -24.09 -2.32 -40.12
CA GLN I 15 -23.17 -1.23 -39.85
C GLN I 15 -22.01 -1.70 -38.98
N LEU I 16 -22.24 -2.67 -38.10
CA LEU I 16 -21.16 -3.24 -37.29
C LEU I 16 -20.11 -3.89 -38.18
N LEU I 17 -20.55 -4.67 -39.18
CA LEU I 17 -19.61 -5.33 -40.08
C LEU I 17 -18.83 -4.32 -40.92
N LYS I 18 -19.44 -3.17 -41.22
CA LYS I 18 -18.73 -2.15 -41.98
C LYS I 18 -17.75 -1.37 -41.12
N ASN I 19 -18.07 -1.17 -39.84
CA ASN I 19 -17.18 -0.42 -38.95
C ASN I 19 -15.89 -1.19 -38.68
N VAL I 20 -16.00 -2.49 -38.43
CA VAL I 20 -14.81 -3.29 -38.13
C VAL I 20 -13.87 -3.39 -39.33
N ASN I 21 -14.39 -3.21 -40.55
CA ASN I 21 -13.55 -3.23 -41.73
C ASN I 21 -13.00 -1.85 -42.10
N ASN I 22 -13.72 -0.79 -41.74
CA ASN I 22 -13.23 0.57 -42.00
C ASN I 22 -12.36 1.11 -40.88
N ASN I 23 -12.58 0.66 -39.64
CA ASN I 23 -11.81 1.13 -38.50
C ASN I 23 -10.70 0.18 -38.08
N HIS I 24 -10.74 -1.07 -38.54
CA HIS I 24 -9.69 -2.06 -38.28
C HIS I 24 -9.49 -2.28 -36.78
N GLU I 25 -10.59 -2.32 -36.03
CA GLU I 25 -10.56 -2.57 -34.61
C GLU I 25 -11.63 -3.62 -34.29
N PRO I 26 -11.27 -4.68 -33.56
CA PRO I 26 -12.26 -5.71 -33.24
C PRO I 26 -13.37 -5.16 -32.35
N ILE I 27 -14.55 -5.77 -32.49
CA ILE I 27 -15.72 -5.42 -31.69
C ILE I 27 -16.05 -6.63 -30.82
N TYR I 28 -16.14 -6.40 -29.51
CA TYR I 28 -16.38 -7.47 -28.55
C TYR I 28 -17.86 -7.54 -28.21
N ILE I 29 -18.45 -8.72 -28.40
CA ILE I 29 -19.85 -8.95 -28.08
C ILE I 29 -19.91 -9.65 -26.72
N SER I 30 -20.56 -8.99 -25.76
CA SER I 30 -20.68 -9.53 -24.41
C SER I 30 -22.01 -9.08 -23.82
N GLY I 31 -22.77 -10.04 -23.28
CA GLY I 31 -24.08 -9.76 -22.73
C GLY I 31 -24.24 -10.41 -21.37
N ASN I 32 -25.46 -10.92 -21.12
CA ASN I 32 -25.80 -11.47 -19.83
C ASN I 32 -25.16 -12.84 -19.59
N ASN I 33 -24.97 -13.64 -20.63
CA ASN I 33 -24.39 -14.97 -20.51
C ASN I 33 -23.02 -15.00 -21.18
N ALA I 34 -22.07 -15.67 -20.50
CA ALA I 34 -20.71 -15.75 -21.01
C ALA I 34 -20.57 -16.65 -22.23
N GLU I 35 -21.60 -17.45 -22.56
CA GLU I 35 -21.50 -18.32 -23.71
C GLU I 35 -21.59 -17.55 -25.03
N ASN I 36 -22.19 -16.36 -25.01
CA ASN I 36 -22.28 -15.51 -26.19
C ASN I 36 -21.06 -14.62 -26.37
N ASN I 37 -20.09 -14.68 -25.45
CA ASN I 37 -18.91 -13.83 -25.56
C ASN I 37 -18.12 -14.19 -26.81
N ALA I 38 -17.99 -13.22 -27.71
CA ALA I 38 -17.32 -13.44 -28.99
C ALA I 38 -16.65 -12.15 -29.43
N VAL I 39 -15.84 -12.26 -30.48
CA VAL I 39 -15.13 -11.13 -31.06
C VAL I 39 -15.37 -11.13 -32.56
N ILE I 40 -15.70 -9.97 -33.12
CA ILE I 40 -15.91 -9.82 -34.56
C ILE I 40 -14.76 -9.01 -35.12
N ILE I 41 -14.08 -9.56 -36.12
CA ILE I 41 -12.91 -8.94 -36.72
C ILE I 41 -13.10 -8.92 -38.24
N GLY I 42 -12.60 -7.87 -38.89
CA GLY I 42 -12.68 -7.81 -40.33
C GLY I 42 -11.90 -8.92 -40.99
N LEU I 43 -12.36 -9.31 -42.18
CA LEU I 43 -11.77 -10.47 -42.86
C LEU I 43 -10.33 -10.20 -43.28
N GLU I 44 -10.06 -9.02 -43.84
CA GLU I 44 -8.70 -8.71 -44.28
C GLU I 44 -7.75 -8.62 -43.09
N ASP I 45 -8.23 -8.06 -41.97
CA ASP I 45 -7.42 -8.04 -40.74
C ASP I 45 -7.20 -9.46 -40.21
N TRP I 46 -8.23 -10.31 -40.31
CA TRP I 46 -8.08 -11.69 -39.89
C TRP I 46 -7.11 -12.45 -40.78
N LYS I 47 -7.15 -12.18 -42.09
CA LYS I 47 -6.16 -12.77 -42.99
C LYS I 47 -4.75 -12.32 -42.62
N SER I 48 -4.58 -11.03 -42.31
CA SER I 48 -3.27 -10.52 -41.94
C SER I 48 -2.80 -11.13 -40.63
N ILE I 49 -3.72 -11.43 -39.72
CA ILE I 49 -3.34 -12.02 -38.44
C ILE I 49 -2.96 -13.49 -38.61
N GLN I 50 -3.77 -14.24 -39.36
CA GLN I 50 -3.51 -15.66 -39.55
C GLN I 50 -2.18 -15.88 -40.25
N GLU I 51 -1.89 -15.09 -41.28
CA GLU I 51 -0.64 -15.25 -42.03
C GLU I 51 0.55 -14.70 -41.25
N THR I 52 0.32 -13.88 -40.23
CA THR I 52 1.41 -13.47 -39.35
C THR I 52 1.77 -14.59 -38.36
N ILE I 53 0.80 -15.40 -37.96
CA ILE I 53 1.06 -16.45 -36.98
C ILE I 53 1.77 -17.64 -37.64
N TYR I 54 1.12 -18.26 -38.62
CA TYR I 54 1.58 -19.55 -39.14
C TYR I 54 2.69 -19.41 -40.17
N LEU I 55 2.80 -18.27 -40.85
CA LEU I 55 3.89 -18.07 -41.79
C LEU I 55 5.14 -17.49 -41.15
N GLU I 56 5.11 -17.25 -39.84
CA GLU I 56 6.32 -16.98 -39.08
C GLU I 56 6.92 -18.25 -38.49
N SER I 57 6.17 -19.34 -38.45
CA SER I 57 6.66 -20.64 -38.03
C SER I 57 7.26 -21.45 -39.17
N THR I 58 7.27 -20.91 -40.39
CA THR I 58 7.81 -21.61 -41.55
C THR I 58 9.02 -20.86 -42.11
N MET J 2 13.10 -28.98 -3.96
CA MET J 2 11.86 -29.27 -3.26
C MET J 2 10.65 -28.91 -4.11
N SER J 3 10.86 -28.06 -5.11
CA SER J 3 9.79 -27.63 -5.98
C SER J 3 9.40 -28.74 -6.95
N ASN J 4 8.15 -28.66 -7.43
CA ASN J 4 7.66 -29.59 -8.43
C ASN J 4 8.28 -29.37 -9.80
N TYR J 5 8.74 -28.16 -10.10
CA TYR J 5 9.34 -27.84 -11.38
C TYR J 5 10.58 -27.00 -11.17
N THR J 6 11.59 -27.24 -12.02
CA THR J 6 12.78 -26.40 -12.06
C THR J 6 12.56 -25.29 -13.08
N VAL J 7 12.77 -24.05 -12.64
CA VAL J 7 12.59 -22.88 -13.50
C VAL J 7 13.96 -22.34 -13.87
N LYS J 8 14.21 -22.26 -15.18
CA LYS J 8 15.47 -21.76 -15.70
C LYS J 8 15.18 -20.76 -16.81
N ILE J 9 16.21 -19.98 -17.16
CA ILE J 9 16.11 -18.96 -18.19
C ILE J 9 17.28 -19.11 -19.15
N LYS J 10 17.03 -18.91 -20.44
CA LYS J 10 18.10 -18.94 -21.42
C LYS J 10 19.06 -17.78 -21.17
N ASN J 11 20.36 -18.07 -21.23
CA ASN J 11 21.37 -17.07 -20.88
C ASN J 11 21.27 -15.84 -21.79
N SER J 12 20.86 -16.02 -23.03
CA SER J 12 20.67 -14.88 -23.93
C SER J 12 19.47 -14.03 -23.55
N ALA J 13 18.61 -14.51 -22.65
CA ALA J 13 17.46 -13.76 -22.19
C ALA J 13 17.68 -13.09 -20.84
N LYS J 14 18.84 -13.28 -20.21
CA LYS J 14 19.12 -12.63 -18.95
C LYS J 14 19.20 -11.11 -19.09
N SER J 15 19.44 -10.60 -20.29
CA SER J 15 19.40 -9.16 -20.53
C SER J 15 18.01 -8.59 -20.28
N ASP J 16 16.97 -9.42 -20.35
CA ASP J 16 15.63 -8.96 -20.01
C ASP J 16 15.48 -8.72 -18.52
N LEU J 17 16.16 -9.52 -17.69
CA LEU J 17 16.05 -9.37 -16.24
C LEU J 17 16.66 -8.06 -15.77
N LYS J 18 17.66 -7.55 -16.48
CA LYS J 18 18.23 -6.25 -16.14
C LYS J 18 17.20 -5.14 -16.31
N LYS J 19 16.39 -5.22 -17.37
CA LYS J 19 15.33 -4.22 -17.58
C LYS J 19 14.19 -4.43 -16.59
N ILE J 20 13.95 -5.67 -16.16
CA ILE J 20 12.94 -5.92 -15.14
C ILE J 20 13.34 -5.29 -13.82
N LYS J 21 14.62 -5.37 -13.47
CA LYS J 21 15.09 -4.79 -12.21
C LYS J 21 14.95 -3.27 -12.23
N HIS J 22 15.47 -2.63 -13.27
CA HIS J 22 15.44 -1.17 -13.34
C HIS J 22 14.04 -0.61 -13.58
N SER J 23 13.08 -1.45 -13.96
CA SER J 23 11.69 -1.05 -14.05
C SER J 23 10.90 -1.37 -12.78
N TYR J 24 11.58 -1.83 -11.73
CA TYR J 24 10.95 -2.19 -10.47
C TYR J 24 9.86 -3.24 -10.64
N LEU J 25 10.06 -4.14 -11.60
CA LEU J 25 9.16 -5.25 -11.85
C LEU J 25 9.70 -6.57 -11.30
N LYS J 26 10.74 -6.50 -10.47
CA LYS J 26 11.36 -7.72 -9.95
C LYS J 26 10.39 -8.51 -9.08
N LYS J 27 9.59 -7.82 -8.26
CA LYS J 27 8.63 -8.50 -7.39
C LYS J 27 7.61 -9.27 -8.21
N SER J 28 7.00 -8.60 -9.20
CA SER J 28 5.97 -9.26 -10.01
C SER J 28 6.55 -10.42 -10.81
N PHE J 29 7.78 -10.26 -11.33
CA PHE J 29 8.41 -11.34 -12.08
C PHE J 29 8.66 -12.55 -11.18
N LEU J 30 9.09 -12.32 -9.94
CA LEU J 30 9.35 -13.43 -9.04
C LEU J 30 8.06 -14.12 -8.58
N GLU J 31 6.93 -13.42 -8.60
CA GLU J 31 5.65 -14.08 -8.32
C GLU J 31 5.29 -15.05 -9.43
N ILE J 32 5.63 -14.72 -10.68
CA ILE J 32 5.45 -15.67 -11.78
C ILE J 32 6.37 -16.85 -11.61
N VAL J 33 7.61 -16.61 -11.18
CA VAL J 33 8.58 -17.69 -11.00
C VAL J 33 8.07 -18.70 -9.99
N GLU J 34 7.54 -18.21 -8.86
CA GLU J 34 7.05 -19.13 -7.82
C GLU J 34 5.84 -19.92 -8.30
N THR J 35 5.05 -19.34 -9.22
CA THR J 35 3.95 -20.10 -9.81
C THR J 35 4.47 -21.17 -10.77
N LEU J 36 5.52 -20.84 -11.53
CA LEU J 36 6.09 -21.82 -12.46
C LEU J 36 6.78 -22.96 -11.72
N LYS J 37 7.33 -22.69 -10.52
CA LYS J 37 7.94 -23.76 -9.74
C LYS J 37 6.92 -24.77 -9.26
N ASN J 38 5.68 -24.33 -9.03
CA ASN J 38 4.64 -25.20 -8.49
C ASN J 38 3.75 -25.79 -9.57
N ASP J 39 3.24 -24.97 -10.48
CA ASP J 39 2.37 -25.42 -11.55
C ASP J 39 2.42 -24.44 -12.71
N PRO J 40 3.22 -24.73 -13.75
CA PRO J 40 3.29 -23.80 -14.89
C PRO J 40 2.05 -23.79 -15.76
N TYR J 41 1.06 -24.63 -15.47
CA TYR J 41 -0.20 -24.64 -16.22
C TYR J 41 -1.36 -24.08 -15.41
N LYS J 42 -1.08 -23.45 -14.27
CA LYS J 42 -2.14 -22.92 -13.43
C LYS J 42 -2.82 -21.74 -14.11
N ILE J 43 -4.15 -21.70 -14.02
CA ILE J 43 -4.93 -20.65 -14.67
C ILE J 43 -4.87 -19.39 -13.82
N THR J 44 -3.69 -18.77 -13.76
CA THR J 44 -3.49 -17.51 -13.06
C THR J 44 -2.57 -16.63 -13.88
N GLN J 45 -2.44 -15.37 -13.47
CA GLN J 45 -1.50 -14.42 -14.08
C GLN J 45 -1.74 -14.28 -15.59
N SER J 46 -3.01 -14.38 -16.01
CA SER J 46 -3.39 -14.30 -17.42
C SER J 46 -2.64 -15.33 -18.27
N PHE J 47 -2.55 -16.56 -17.74
CA PHE J 47 -1.88 -17.64 -18.44
C PHE J 47 -2.54 -17.91 -19.78
N GLU J 48 -1.74 -17.92 -20.84
CA GLU J 48 -2.24 -18.14 -22.20
C GLU J 48 -1.26 -19.02 -22.96
N LYS J 49 -1.80 -19.96 -23.73
CA LYS J 49 -1.01 -20.79 -24.63
C LYS J 49 -0.95 -20.10 -25.99
N LEU J 50 0.27 -19.73 -26.41
CA LEU J 50 0.43 -18.98 -27.64
C LEU J 50 0.12 -19.85 -28.86
N GLU J 51 -0.03 -19.19 -30.00
CA GLU J 51 -0.30 -19.79 -31.30
C GLU J 51 0.96 -19.81 -32.16
N PRO J 52 1.18 -20.86 -32.96
CA PRO J 52 0.34 -22.06 -33.05
C PRO J 52 0.54 -23.00 -31.85
N LYS J 53 -0.51 -23.73 -31.48
CA LYS J 53 -0.49 -24.50 -30.25
C LYS J 53 0.42 -25.72 -30.34
N TYR J 54 0.81 -26.16 -31.54
CA TYR J 54 1.66 -27.34 -31.63
C TYR J 54 3.10 -27.05 -31.19
N LEU J 55 3.50 -25.78 -31.16
CA LEU J 55 4.82 -25.42 -30.64
C LEU J 55 4.84 -25.35 -29.12
N GLU J 56 3.67 -25.25 -28.48
CA GLU J 56 3.53 -25.35 -27.03
C GLU J 56 4.36 -24.29 -26.31
N ARG J 57 4.18 -23.04 -26.71
CA ARG J 57 4.73 -21.90 -26.01
C ARG J 57 3.65 -21.26 -25.15
N TYR J 58 4.05 -20.75 -23.99
CA TYR J 58 3.11 -20.19 -23.03
C TYR J 58 3.58 -18.80 -22.63
N SER J 59 2.68 -18.04 -22.00
CA SER J 59 3.00 -16.70 -21.56
C SER J 59 2.19 -16.36 -20.31
N ARG J 60 2.82 -15.65 -19.39
CA ARG J 60 2.16 -15.10 -18.21
C ARG J 60 2.52 -13.62 -18.10
N ARG J 61 1.68 -12.87 -17.41
CA ARG J 61 1.77 -11.41 -17.41
C ARG J 61 2.58 -10.92 -16.22
N ILE J 62 3.64 -10.17 -16.50
CA ILE J 62 4.29 -9.41 -15.44
C ILE J 62 3.44 -8.19 -15.09
N ASN J 63 2.99 -7.47 -16.11
CA ASN J 63 1.99 -6.42 -15.98
C ASN J 63 1.21 -6.38 -17.29
N HIS J 64 0.62 -5.23 -17.61
CA HIS J 64 -0.12 -5.10 -18.85
C HIS J 64 0.79 -5.13 -20.07
N GLN J 65 2.06 -4.73 -19.91
CA GLN J 65 2.94 -4.52 -21.04
C GLN J 65 3.94 -5.66 -21.26
N HIS J 66 4.39 -6.32 -20.20
CA HIS J 66 5.46 -7.30 -20.29
C HIS J 66 4.96 -8.70 -19.95
N ARG J 67 5.55 -9.69 -20.63
CA ARG J 67 5.14 -11.08 -20.49
C ARG J 67 6.36 -11.94 -20.19
N VAL J 68 6.09 -13.14 -19.68
CA VAL J 68 7.10 -14.18 -19.50
C VAL J 68 6.75 -15.28 -20.47
N VAL J 69 7.46 -15.35 -21.58
CA VAL J 69 7.26 -16.40 -22.59
C VAL J 69 8.15 -17.58 -22.21
N TYR J 70 7.56 -18.76 -22.15
CA TYR J 70 8.30 -19.93 -21.69
C TYR J 70 7.74 -21.20 -22.32
N THR J 71 8.52 -22.27 -22.23
CA THR J 71 8.10 -23.62 -22.58
C THR J 71 8.35 -24.53 -21.40
N VAL J 72 7.68 -25.69 -21.40
CA VAL J 72 7.74 -26.62 -20.28
C VAL J 72 8.15 -27.99 -20.79
N ASP J 73 9.15 -28.59 -20.14
CA ASP J 73 9.56 -29.97 -20.39
C ASP J 73 8.90 -30.84 -19.34
N ASP J 74 7.92 -31.65 -19.75
CA ASP J 74 7.12 -32.41 -18.81
C ASP J 74 7.82 -33.68 -18.32
N ARG J 75 8.80 -34.19 -19.07
CA ARG J 75 9.54 -35.36 -18.58
C ARG J 75 10.51 -34.97 -17.47
N ASN J 76 11.30 -33.92 -17.70
CA ASN J 76 12.28 -33.48 -16.74
C ASN J 76 11.72 -32.49 -15.72
N LYS J 77 10.45 -32.10 -15.86
CA LYS J 77 9.80 -31.14 -14.95
C LYS J 77 10.60 -29.84 -14.89
N GLU J 78 10.86 -29.26 -16.06
CA GLU J 78 11.67 -28.05 -16.17
C GLU J 78 10.95 -27.00 -17.00
N VAL J 79 10.98 -25.76 -16.52
CA VAL J 79 10.39 -24.62 -17.22
C VAL J 79 11.53 -23.75 -17.75
N LEU J 80 11.49 -23.46 -19.04
CA LEU J 80 12.52 -22.69 -19.71
C LEU J 80 11.95 -21.32 -20.07
N ILE J 81 12.39 -20.29 -19.36
CA ILE J 81 11.97 -18.92 -19.66
C ILE J 81 12.75 -18.43 -20.86
N LEU J 82 12.05 -18.06 -21.92
CA LEU J 82 12.67 -17.58 -23.15
C LEU J 82 12.60 -16.08 -23.32
N SER J 83 11.73 -15.40 -22.58
CA SER J 83 11.64 -13.95 -22.68
C SER J 83 11.02 -13.39 -21.41
N ALA J 84 11.55 -12.27 -20.93
CA ALA J 84 10.92 -11.56 -19.83
C ALA J 84 10.74 -10.07 -20.10
N TRP J 85 10.82 -9.64 -21.36
CA TRP J 85 10.68 -8.23 -21.70
C TRP J 85 9.95 -8.13 -23.03
N SER J 86 8.75 -7.54 -23.01
CA SER J 86 7.89 -7.53 -24.19
C SER J 86 7.93 -6.21 -24.95
N HIS J 87 8.93 -5.36 -24.70
CA HIS J 87 9.09 -4.10 -25.41
C HIS J 87 10.32 -4.16 -26.30
N TYR J 88 10.22 -3.49 -27.44
CA TYR J 88 11.31 -3.44 -28.42
C TYR J 88 12.21 -2.26 -28.09
N ASP J 89 13.41 -2.55 -27.57
CA ASP J 89 14.37 -1.51 -27.25
C ASP J 89 15.77 -2.11 -27.06
N MET K 1 -15.04 6.77 6.31
CA MET K 1 -13.65 6.55 5.95
C MET K 1 -13.15 7.66 5.01
N ILE K 2 -12.26 8.50 5.52
CA ILE K 2 -11.66 9.58 4.75
C ILE K 2 -10.23 9.19 4.41
N ILE K 3 -9.96 9.01 3.13
CA ILE K 3 -8.62 8.72 2.63
C ILE K 3 -8.23 9.84 1.68
N THR K 4 -6.97 10.29 1.76
CA THR K 4 -6.53 11.41 0.96
C THR K 4 -5.05 11.24 0.65
N SER K 5 -4.62 11.92 -0.42
CA SER K 5 -3.22 11.92 -0.82
C SER K 5 -2.40 12.81 0.11
N PRO K 6 -1.08 12.60 0.17
CA PRO K 6 -0.25 13.44 1.04
C PRO K 6 -0.25 14.91 0.64
N THR K 7 -0.28 15.21 -0.66
CA THR K 7 -0.25 16.60 -1.10
C THR K 7 -1.54 17.33 -0.76
N GLU K 8 -2.68 16.67 -0.99
CA GLU K 8 -3.96 17.29 -0.65
C GLU K 8 -4.16 17.34 0.86
N ALA K 9 -3.60 16.37 1.60
CA ALA K 9 -3.65 16.44 3.05
C ALA K 9 -2.81 17.60 3.58
N ARG K 10 -1.72 17.94 2.88
CA ARG K 10 -0.91 19.09 3.31
C ARG K 10 -1.66 20.39 3.08
N LYS K 11 -2.43 20.48 1.99
CA LYS K 11 -3.18 21.71 1.73
C LYS K 11 -4.39 21.85 2.62
N ASP K 12 -4.94 20.75 3.13
CA ASP K 12 -6.09 20.78 4.02
C ASP K 12 -5.70 20.45 5.46
N PHE K 13 -4.43 20.64 5.81
CA PHE K 13 -3.90 20.10 7.06
C PHE K 13 -4.63 20.68 8.27
N TYR K 14 -4.76 22.01 8.32
CA TYR K 14 -5.40 22.64 9.47
C TYR K 14 -6.86 22.23 9.59
N GLN K 15 -7.53 21.97 8.47
CA GLN K 15 -8.92 21.55 8.52
C GLN K 15 -9.05 20.06 8.85
N LEU K 16 -8.06 19.25 8.46
CA LEU K 16 -8.07 17.85 8.85
C LEU K 16 -7.85 17.70 10.35
N LEU K 17 -6.99 18.54 10.93
CA LEU K 17 -6.74 18.47 12.37
C LEU K 17 -8.00 18.80 13.15
N LYS K 18 -8.79 19.76 12.67
CA LYS K 18 -10.07 20.04 13.32
C LYS K 18 -11.10 18.96 13.04
N ASN K 19 -10.96 18.23 11.93
CA ASN K 19 -11.93 17.19 11.58
C ASN K 19 -11.85 15.99 12.53
N VAL K 20 -10.63 15.52 12.82
CA VAL K 20 -10.48 14.34 13.66
C VAL K 20 -10.97 14.60 15.08
N ASN K 21 -10.88 15.85 15.55
CA ASN K 21 -11.31 16.16 16.90
C ASN K 21 -12.80 16.43 17.00
N ASN K 22 -13.48 16.73 15.88
CA ASN K 22 -14.91 16.96 15.91
C ASN K 22 -15.69 15.70 15.57
N ASN K 23 -15.22 14.90 14.60
CA ASN K 23 -15.90 13.69 14.18
C ASN K 23 -15.38 12.43 14.87
N HIS K 24 -14.21 12.50 15.50
CA HIS K 24 -13.61 11.36 16.22
C HIS K 24 -13.38 10.17 15.29
N GLU K 25 -13.19 10.44 14.00
CA GLU K 25 -12.88 9.42 13.01
C GLU K 25 -11.55 9.74 12.36
N PRO K 26 -10.62 8.79 12.28
CA PRO K 26 -9.28 9.11 11.79
C PRO K 26 -9.27 9.38 10.30
N ILE K 27 -8.25 10.13 9.88
CA ILE K 27 -7.99 10.42 8.47
C ILE K 27 -6.81 9.57 8.02
N TYR K 28 -6.99 8.88 6.90
CA TYR K 28 -5.93 8.04 6.34
C TYR K 28 -5.25 8.76 5.19
N ILE K 29 -3.92 8.67 5.15
CA ILE K 29 -3.10 9.30 4.13
C ILE K 29 -2.40 8.20 3.34
N SER K 30 -2.69 8.13 2.05
CA SER K 30 -2.12 7.11 1.17
C SER K 30 -1.45 7.80 -0.01
N GLY K 31 -0.17 7.49 -0.22
CA GLY K 31 0.59 8.08 -1.31
C GLY K 31 1.17 7.05 -2.26
N ASN K 32 2.14 7.47 -3.07
CA ASN K 32 2.70 6.59 -4.09
C ASN K 32 3.47 5.41 -3.48
N ASN K 33 3.99 5.56 -2.25
CA ASN K 33 4.69 4.49 -1.55
C ASN K 33 3.85 4.09 -0.35
N ALA K 34 3.32 2.85 -0.39
CA ALA K 34 2.44 2.39 0.67
C ALA K 34 3.13 2.31 2.03
N GLU K 35 4.46 2.26 2.05
CA GLU K 35 5.16 2.20 3.33
C GLU K 35 5.19 3.54 4.06
N ASN K 36 4.75 4.62 3.42
CA ASN K 36 4.67 5.93 4.05
C ASN K 36 3.24 6.31 4.43
N ASN K 37 2.30 5.36 4.34
CA ASN K 37 0.93 5.64 4.72
C ASN K 37 0.82 5.94 6.20
N ALA K 38 0.05 6.96 6.55
CA ALA K 38 -0.08 7.42 7.92
C ALA K 38 -1.54 7.62 8.26
N VAL K 39 -1.80 7.79 9.57
CA VAL K 39 -3.14 8.00 10.11
C VAL K 39 -3.09 9.21 11.03
N ILE K 40 -4.10 10.06 10.93
CA ILE K 40 -4.26 11.22 11.82
C ILE K 40 -5.39 10.91 12.79
N ILE K 41 -5.08 10.99 14.09
CA ILE K 41 -6.04 10.65 15.14
C ILE K 41 -6.10 11.82 16.12
N GLY K 42 -7.30 12.11 16.61
CA GLY K 42 -7.45 13.14 17.62
C GLY K 42 -6.77 12.75 18.92
N LEU K 43 -6.22 13.75 19.60
CA LEU K 43 -5.41 13.48 20.79
C LEU K 43 -6.21 12.79 21.89
N GLU K 44 -7.44 13.25 22.12
CA GLU K 44 -8.26 12.64 23.17
C GLU K 44 -8.60 11.18 22.86
N ASP K 45 -8.86 10.88 21.59
CA ASP K 45 -9.07 9.49 21.19
C ASP K 45 -7.77 8.69 21.31
N TRP K 46 -6.63 9.34 21.08
CA TRP K 46 -5.34 8.65 21.19
C TRP K 46 -5.02 8.30 22.64
N LYS K 47 -5.53 9.09 23.60
CA LYS K 47 -5.28 8.78 25.01
C LYS K 47 -5.98 7.49 25.41
N SER K 48 -7.22 7.29 24.97
CA SER K 48 -7.91 6.04 25.24
C SER K 48 -7.18 4.86 24.62
N ILE K 49 -6.58 5.07 23.45
CA ILE K 49 -5.91 3.99 22.74
C ILE K 49 -4.60 3.62 23.42
N GLN K 50 -3.80 4.62 23.78
CA GLN K 50 -2.53 4.35 24.43
C GLN K 50 -2.73 3.67 25.78
N GLU K 51 -3.72 4.11 26.55
CA GLU K 51 -4.00 3.47 27.83
C GLU K 51 -4.41 2.02 27.64
N THR K 52 -5.15 1.73 26.57
CA THR K 52 -5.61 0.36 26.34
C THR K 52 -4.45 -0.57 25.99
N ILE K 53 -3.57 -0.12 25.07
CA ILE K 53 -2.48 -0.99 24.66
C ILE K 53 -1.44 -1.12 25.76
N TYR K 54 -1.32 -0.12 26.64
CA TYR K 54 -0.41 -0.25 27.77
C TYR K 54 -0.90 -1.31 28.75
N LEU K 55 -2.20 -1.28 29.08
CA LEU K 55 -2.75 -2.31 29.95
C LEU K 55 -2.78 -3.67 29.28
N GLU K 56 -2.68 -3.71 27.95
CA GLU K 56 -2.55 -4.99 27.26
C GLU K 56 -1.13 -5.53 27.33
N SER K 57 -0.14 -4.64 27.15
CA SER K 57 1.26 -5.08 27.15
C SER K 57 1.69 -5.59 28.52
N THR K 58 1.13 -5.05 29.61
CA THR K 58 1.48 -5.50 30.95
C THR K 58 0.77 -6.80 31.34
N GLY K 59 -0.13 -7.30 30.51
CA GLY K 59 -0.95 -8.45 30.87
C GLY K 59 -2.14 -8.14 31.73
N THR K 60 -2.41 -6.86 32.03
CA THR K 60 -3.54 -6.52 32.87
C THR K 60 -4.87 -6.87 32.21
N MET K 61 -5.01 -6.53 30.92
CA MET K 61 -6.27 -6.77 30.22
C MET K 61 -6.63 -8.25 30.17
N ASP K 62 -5.63 -9.13 30.06
CA ASP K 62 -5.91 -10.56 30.11
C ASP K 62 -6.45 -10.97 31.47
N LYS K 63 -5.89 -10.41 32.55
CA LYS K 63 -6.43 -10.66 33.88
C LYS K 63 -7.82 -10.07 34.03
N VAL K 64 -8.02 -8.84 33.55
CA VAL K 64 -9.34 -8.22 33.59
C VAL K 64 -10.36 -9.05 32.83
N ARG K 65 -9.98 -9.54 31.64
CA ARG K 65 -10.90 -10.33 30.84
C ARG K 65 -11.18 -11.68 31.49
N GLU K 66 -10.18 -12.28 32.14
CA GLU K 66 -10.40 -13.56 32.80
C GLU K 66 -11.21 -13.39 34.09
N ARG K 67 -10.95 -12.31 34.84
CA ARG K 67 -11.72 -12.05 36.05
C ARG K 67 -13.17 -11.68 35.76
N GLU K 68 -13.47 -11.22 34.54
CA GLU K 68 -14.85 -10.88 34.19
C GLU K 68 -15.73 -12.12 34.04
N LYS K 69 -15.13 -13.29 33.78
CA LYS K 69 -15.90 -14.51 33.57
C LYS K 69 -15.37 -15.67 34.41
N ASP K 70 -14.86 -15.38 35.61
CA ASP K 70 -14.28 -16.42 36.44
C ASP K 70 -15.25 -16.99 37.47
N ASN K 71 -16.37 -16.32 37.72
CA ASN K 71 -17.35 -16.75 38.71
C ASN K 71 -16.70 -16.97 40.08
N SER K 72 -16.15 -15.87 40.63
CA SER K 72 -15.52 -15.90 41.95
C SER K 72 -16.26 -15.08 43.00
N GLY K 73 -17.32 -14.37 42.66
CA GLY K 73 -18.03 -13.54 43.61
C GLY K 73 -17.42 -12.15 43.74
N THR K 74 -18.21 -11.25 44.32
CA THR K 74 -17.79 -9.87 44.54
C THR K 74 -17.86 -9.54 46.03
N THR K 75 -16.98 -8.65 46.47
CA THR K 75 -16.95 -8.19 47.84
C THR K 75 -17.03 -6.68 47.85
N ASN K 76 -17.88 -6.14 48.72
CA ASN K 76 -17.97 -4.69 48.86
C ASN K 76 -16.65 -4.14 49.37
N ILE K 77 -16.26 -2.98 48.83
CA ILE K 77 -14.96 -2.40 49.17
C ILE K 77 -14.91 -1.95 50.62
N ASP K 78 -16.06 -1.78 51.27
CA ASP K 78 -16.08 -1.44 52.68
C ASP K 78 -15.84 -2.66 53.56
N ASP K 79 -16.21 -3.85 53.08
CA ASP K 79 -16.02 -5.08 53.83
C ASP K 79 -14.61 -5.65 53.70
N ILE K 80 -13.67 -4.89 53.16
CA ILE K 80 -12.29 -5.32 53.01
C ILE K 80 -11.53 -5.01 54.29
N ASP K 81 -10.92 -6.03 54.89
CA ASP K 81 -10.12 -5.87 56.09
C ASP K 81 -8.65 -5.85 55.67
N TRP K 82 -8.05 -4.66 55.69
CA TRP K 82 -6.66 -4.49 55.29
C TRP K 82 -5.66 -5.11 56.27
N ASP K 83 -6.08 -5.44 57.49
CA ASP K 83 -5.16 -6.05 58.44
C ASP K 83 -4.93 -7.54 58.17
N ASN K 84 -5.81 -8.19 57.42
CA ASN K 84 -5.67 -9.61 57.13
C ASN K 84 -4.91 -9.82 55.82
N MET L 1 -7.45 14.17 -6.22
CA MET L 1 -7.89 12.85 -6.66
C MET L 1 -8.88 12.24 -5.67
N ILE L 2 -9.50 11.14 -6.07
CA ILE L 2 -10.53 10.48 -5.29
C ILE L 2 -10.01 9.11 -4.87
N ILE L 3 -9.87 8.91 -3.56
CA ILE L 3 -9.46 7.63 -2.99
C ILE L 3 -10.58 7.15 -2.08
N THR L 4 -10.98 5.89 -2.25
CA THR L 4 -12.10 5.34 -1.52
C THR L 4 -11.79 3.91 -1.12
N SER L 5 -12.48 3.45 -0.08
CA SER L 5 -12.32 2.09 0.41
C SER L 5 -13.08 1.13 -0.51
N PRO L 6 -12.67 -0.15 -0.54
CA PRO L 6 -13.38 -1.11 -1.40
C PRO L 6 -14.84 -1.30 -1.03
N THR L 7 -15.17 -1.28 0.27
CA THR L 7 -16.55 -1.46 0.68
C THR L 7 -17.39 -0.23 0.32
N GLU L 8 -16.84 0.96 0.52
CA GLU L 8 -17.57 2.17 0.14
C GLU L 8 -17.63 2.31 -1.38
N ALA L 9 -16.60 1.87 -2.09
CA ALA L 9 -16.66 1.88 -3.55
C ALA L 9 -17.73 0.95 -4.08
N ARG L 10 -17.98 -0.16 -3.38
CA ARG L 10 -19.06 -1.05 -3.80
C ARG L 10 -20.42 -0.43 -3.58
N LYS L 11 -20.57 0.40 -2.54
CA LYS L 11 -21.85 1.04 -2.27
C LYS L 11 -22.17 2.11 -3.31
N ASP L 12 -21.16 2.88 -3.73
CA ASP L 12 -21.32 3.94 -4.72
C ASP L 12 -20.81 3.51 -6.10
N PHE L 13 -20.86 2.21 -6.40
CA PHE L 13 -20.22 1.70 -7.61
C PHE L 13 -20.83 2.30 -8.86
N TYR L 14 -22.16 2.28 -8.96
CA TYR L 14 -22.82 2.81 -10.15
C TYR L 14 -22.54 4.30 -10.32
N GLN L 15 -22.46 5.03 -9.22
CA GLN L 15 -22.17 6.47 -9.32
C GLN L 15 -20.69 6.71 -9.61
N LEU L 16 -19.80 5.84 -9.13
CA LEU L 16 -18.39 5.98 -9.46
C LEU L 16 -18.14 5.75 -10.95
N LEU L 17 -18.85 4.80 -11.55
CA LEU L 17 -18.69 4.55 -12.97
C LEU L 17 -19.11 5.75 -13.81
N LYS L 18 -20.14 6.48 -13.37
CA LYS L 18 -20.59 7.65 -14.11
C LYS L 18 -19.67 8.85 -13.90
N ASN L 19 -19.10 9.00 -12.71
CA ASN L 19 -18.25 10.15 -12.44
C ASN L 19 -16.93 10.08 -13.22
N VAL L 20 -16.36 8.88 -13.32
CA VAL L 20 -15.08 8.73 -14.01
C VAL L 20 -15.20 9.01 -15.49
N ASN L 21 -16.41 8.88 -16.06
CA ASN L 21 -16.62 9.21 -17.47
C ASN L 21 -16.95 10.67 -17.69
N ASN L 22 -17.57 11.33 -16.70
CA ASN L 22 -17.90 12.74 -16.84
C ASN L 22 -16.73 13.64 -16.47
N ASN L 23 -15.96 13.25 -15.44
CA ASN L 23 -14.83 14.06 -14.99
C ASN L 23 -13.52 13.66 -15.66
N HIS L 24 -13.45 12.47 -16.25
CA HIS L 24 -12.22 11.95 -16.83
C HIS L 24 -11.11 11.90 -15.79
N GLU L 25 -11.49 11.70 -14.52
CA GLU L 25 -10.57 11.62 -13.40
C GLU L 25 -10.63 10.21 -12.83
N PRO L 26 -9.53 9.46 -12.82
CA PRO L 26 -9.58 8.08 -12.34
C PRO L 26 -9.88 8.02 -10.84
N ILE L 27 -10.51 6.91 -10.44
CA ILE L 27 -10.87 6.65 -9.06
C ILE L 27 -9.95 5.56 -8.52
N TYR L 28 -9.28 5.85 -7.41
CA TYR L 28 -8.37 4.91 -6.77
C TYR L 28 -9.06 4.23 -5.60
N ILE L 29 -8.87 2.91 -5.50
CA ILE L 29 -9.47 2.11 -4.44
C ILE L 29 -8.34 1.56 -3.58
N SER L 30 -8.37 1.86 -2.29
CA SER L 30 -7.33 1.46 -1.35
C SER L 30 -7.98 0.70 -0.20
N GLY L 31 -7.53 -0.53 0.01
CA GLY L 31 -8.08 -1.38 1.06
C GLY L 31 -7.05 -1.79 2.09
N ASN L 32 -7.38 -2.79 2.91
CA ASN L 32 -6.48 -3.21 3.98
C ASN L 32 -5.21 -3.85 3.45
N ASN L 33 -5.27 -4.47 2.28
CA ASN L 33 -4.11 -5.07 1.62
C ASN L 33 -3.77 -4.22 0.41
N ALA L 34 -2.64 -3.50 0.49
CA ALA L 34 -2.26 -2.58 -0.59
C ALA L 34 -1.99 -3.31 -1.90
N GLU L 35 -1.78 -4.62 -1.87
CA GLU L 35 -1.57 -5.37 -3.11
C GLU L 35 -2.86 -5.59 -3.89
N ASN L 36 -4.02 -5.25 -3.33
CA ASN L 36 -5.30 -5.34 -4.01
C ASN L 36 -5.81 -3.99 -4.48
N ASN L 37 -4.99 -2.95 -4.40
CA ASN L 37 -5.42 -1.63 -4.82
C ASN L 37 -5.66 -1.59 -6.32
N ALA L 38 -6.68 -0.83 -6.72
CA ALA L 38 -7.10 -0.79 -8.11
C ALA L 38 -7.45 0.63 -8.50
N VAL L 39 -7.62 0.84 -9.80
CA VAL L 39 -8.00 2.12 -10.38
C VAL L 39 -9.18 1.88 -11.32
N ILE L 40 -10.16 2.78 -11.26
CA ILE L 40 -11.29 2.77 -12.20
C ILE L 40 -11.09 3.92 -13.17
N ILE L 41 -11.07 3.59 -14.46
CA ILE L 41 -10.82 4.56 -15.52
C ILE L 41 -11.94 4.45 -16.54
N GLY L 42 -12.38 5.60 -17.06
CA GLY L 42 -13.38 5.58 -18.10
C GLY L 42 -12.89 4.88 -19.35
N LEU L 43 -13.83 4.32 -20.12
CA LEU L 43 -13.44 3.50 -21.26
C LEU L 43 -12.83 4.34 -22.37
N GLU L 44 -13.43 5.50 -22.68
CA GLU L 44 -12.89 6.35 -23.74
C GLU L 44 -11.49 6.84 -23.39
N ASP L 45 -11.20 7.05 -22.11
CA ASP L 45 -9.85 7.42 -21.70
C ASP L 45 -8.91 6.22 -21.69
N TRP L 46 -9.45 5.02 -21.42
CA TRP L 46 -8.61 3.82 -21.44
C TRP L 46 -8.17 3.47 -22.85
N LYS L 47 -8.95 3.84 -23.86
CA LYS L 47 -8.56 3.55 -25.24
C LYS L 47 -7.35 4.39 -25.65
N SER L 48 -7.33 5.66 -25.28
CA SER L 48 -6.16 6.49 -25.52
C SER L 48 -4.94 5.94 -24.81
N ILE L 49 -5.13 5.44 -23.59
CA ILE L 49 -4.01 4.89 -22.83
C ILE L 49 -3.51 3.60 -23.47
N GLN L 50 -4.42 2.72 -23.89
CA GLN L 50 -4.02 1.47 -24.52
C GLN L 50 -3.31 1.72 -25.84
N GLU L 51 -3.84 2.64 -26.65
CA GLU L 51 -3.19 2.95 -27.93
C GLU L 51 -1.79 3.51 -27.72
N THR L 52 -1.59 4.30 -26.66
CA THR L 52 -0.29 4.89 -26.40
C THR L 52 0.75 3.83 -26.03
N ILE L 53 0.40 2.97 -25.08
CA ILE L 53 1.39 2.00 -24.61
C ILE L 53 1.68 0.96 -25.69
N TYR L 54 0.71 0.68 -26.57
CA TYR L 54 0.98 -0.23 -27.68
C TYR L 54 2.01 0.35 -28.64
N LEU L 55 1.87 1.64 -28.97
CA LEU L 55 2.86 2.29 -29.83
C LEU L 55 4.20 2.46 -29.11
N GLU L 56 4.20 2.45 -27.78
CA GLU L 56 5.45 2.40 -27.04
C GLU L 56 6.06 1.00 -27.07
N SER L 57 5.20 -0.03 -27.01
CA SER L 57 5.71 -1.40 -26.96
C SER L 57 6.37 -1.80 -28.28
N THR L 58 5.83 -1.32 -29.41
CA THR L 58 6.38 -1.66 -30.71
C THR L 58 7.58 -0.80 -31.09
N GLY L 59 8.00 0.12 -30.24
CA GLY L 59 9.08 1.03 -30.58
C GLY L 59 8.69 2.14 -31.52
N THR L 60 7.40 2.28 -31.83
CA THR L 60 6.96 3.35 -32.72
C THR L 60 7.15 4.73 -32.09
N MET L 61 6.79 4.87 -30.80
CA MET L 61 6.90 6.17 -30.15
C MET L 61 8.34 6.64 -30.05
N ASP L 62 9.30 5.71 -29.97
CA ASP L 62 10.71 6.11 -30.00
C ASP L 62 11.06 6.71 -31.34
N LYS L 63 10.55 6.14 -32.44
CA LYS L 63 10.78 6.71 -33.76
C LYS L 63 10.06 8.03 -33.93
N VAL L 64 8.84 8.14 -33.41
CA VAL L 64 8.07 9.38 -33.53
C VAL L 64 8.80 10.52 -32.82
N ARG L 65 9.30 10.26 -31.60
CA ARG L 65 10.03 11.28 -30.88
C ARG L 65 11.37 11.59 -31.54
N GLU L 66 12.02 10.59 -32.13
CA GLU L 66 13.27 10.83 -32.84
C GLU L 66 13.02 11.65 -34.11
N ARG L 67 12.03 11.25 -34.91
CA ARG L 67 11.71 11.99 -36.13
C ARG L 67 11.12 13.36 -35.84
N GLU L 68 10.72 13.64 -34.60
CA GLU L 68 10.21 14.94 -34.25
C GLU L 68 11.30 15.94 -33.89
N LYS L 69 12.50 15.46 -33.57
CA LYS L 69 13.60 16.31 -33.14
C LYS L 69 14.77 16.31 -34.12
N ASP L 70 14.62 15.70 -35.29
CA ASP L 70 15.67 15.71 -36.30
C ASP L 70 15.37 16.77 -37.36
N ASN L 71 16.38 17.04 -38.19
CA ASN L 71 16.25 18.05 -39.23
C ASN L 71 16.35 17.42 -40.61
N SER L 72 15.62 16.32 -40.83
CA SER L 72 15.63 15.65 -42.12
C SER L 72 14.79 16.37 -43.17
N GLY L 73 14.03 17.38 -42.78
CA GLY L 73 13.21 18.13 -43.71
C GLY L 73 11.76 17.67 -43.71
N THR L 74 11.07 18.07 -44.77
CA THR L 74 9.65 17.76 -44.92
C THR L 74 9.36 17.50 -46.40
N THR L 75 8.30 16.73 -46.64
CA THR L 75 7.86 16.42 -47.99
C THR L 75 6.34 16.35 -48.01
N ASN L 76 5.73 17.00 -48.99
CA ASN L 76 4.29 16.91 -49.16
C ASN L 76 3.90 15.49 -49.55
N ILE L 77 2.78 15.01 -49.00
CA ILE L 77 2.41 13.61 -49.20
C ILE L 77 2.04 13.34 -50.65
N ASP L 78 1.51 14.35 -51.36
CA ASP L 78 1.16 14.16 -52.76
C ASP L 78 2.38 14.21 -53.67
N ASP L 79 3.50 14.73 -53.17
CA ASP L 79 4.75 14.76 -53.92
C ASP L 79 5.55 13.47 -53.77
N ILE L 80 5.07 12.52 -52.99
CA ILE L 80 5.76 11.24 -52.83
C ILE L 80 5.59 10.44 -54.11
N ASP L 81 6.70 10.15 -54.79
CA ASP L 81 6.68 9.34 -56.00
C ASP L 81 6.56 7.88 -55.58
N TRP L 82 5.35 7.33 -55.67
CA TRP L 82 5.10 5.98 -55.18
C TRP L 82 5.79 4.92 -56.04
N ASP L 83 5.92 5.17 -57.34
CA ASP L 83 6.52 4.16 -58.21
C ASP L 83 8.00 3.96 -57.92
N ASN L 84 8.68 4.99 -57.42
CA ASN L 84 10.10 4.91 -57.09
C ASN L 84 10.32 5.33 -55.65
N LEU L 85 9.46 4.88 -54.75
CA LEU L 85 9.57 5.26 -53.34
C LEU L 85 10.75 4.55 -52.69
#